data_5U73
#
_entry.id   5U73
#
_cell.length_a   181.937
_cell.length_b   223.071
_cell.length_c   63.208
_cell.angle_alpha   90.00
_cell.angle_beta   105.31
_cell.angle_gamma   90.00
#
_symmetry.space_group_name_H-M   'C 1 2 1'
#
loop_
_entity.id
_entity.type
_entity.pdbx_description
1 polymer 'Niemann-Pick C1 protein'
2 branched 2-acetamido-2-deoxy-beta-D-glucopyranose-(1-4)-2-acetamido-2-deoxy-beta-D-glucopyranose
3 branched alpha-D-mannopyranose-(1-4)-2-acetamido-2-deoxy-beta-D-glucopyranose-(1-4)-2-acetamido-2-deoxy-beta-D-glucopyranose
4 non-polymer 2-acetamido-2-deoxy-beta-D-glucopyranose
#
_entity_poly.entity_id   1
_entity_poly.type   'polypeptide(L)'
_entity_poly.pdbx_seq_one_letter_code
;MTARGLALGLLLLLLCPAQVFSQSCVWYGECGIAYGDKRYNCEYSGPPKPLPKDGYDLVQELCPGFFFGNVSLCCDVRQL
QTLKDNLQLPLQFLSRCPSCFYNLLNLFCELTCSPRQSQFLNVTATEDYVDPVTNQTKTNVKELQYYVGQSFANAMYNAC
RDVEAPSSNDKALGLLCGKDADACNATNWIEYMFNKDNGQAPFTITPVFSDFPVHGMEPMNNATKGCDESVDEVTAPCSC
QDCSIVCGPKPQPPPPPAPWTILGLDAMYVIMWITYMAFLLVFFGAFFAVWCYRKRYFVSEYTPIDSNIAFSVNASDKGE
ASCCDPVSAAFEGCLRRLFTRWGSFCVRNPGCVIFFSLVFITACSSGLVFVRVTTNPVDLWSAPSSQARLEKEYFDQHFG
PFFRTEQLIIRAPLTDKHIYQPYPSGADVPFGPPLDIQILHQVLDLQIAIENITASYDNETVTLQDICLAPLSPYNTNCT
ILSVLNYFQNSHSVLDHKKGDDFFVYADYHTHFLYCVRAPASLNDTSLLHDPCLGTFGGPVFPWLVLGGYDDQNYNNATA
LVITFPVNNYYNDTEKLQRAQAWEKEFINFVKNYKNPNLTISFTAERSIEDELNRESDSDVFTVVISYAIMFLYISLALG
HIKSCRRLLVDSKVSLGIAGILIVLSSVACSLGVFSYIGLPLTLIVIEVIPFLVLAVGVDNIFILVQAYQRDERLQGETL
DQQLGRVLGEVAPSMFLSSFSETVAFFLGALSVMPAVHTFSLFAGLAVFIDFLLQITCFVSLLGLDIKRQEKNRLDIFCC
VRGAEDGTSVQASESCLFRFFKNSYSPLLLKDWMRPIVIAIFVGVLSFSIAVLNKVDIGLDQSLSMPDDSYMVDYFKSIS
QYLHAGPPVYFVLEEGHDYTSSKGQNMVCGGMGCNNDSLVQQIFNAAQLDNYTRIGFAPSSWIDDYFDWVKPQSSCCRVD
NITDQFCNASVVDPACVRCRPLTPEGKQRPQGGDFMRFLPMFLSDNPNPKCGKGGHAAYSSAVNILLGHGTRVGATYFMT
YHTVLQTSADFIDALKKARLIASNVTETMGINGSAYRVFPYSVFYVFYEQYLTIIDDTIFNLGVSLGAIFLVTMVLLGCE
LWSAVIMCATIAMVLVNMFGVMWLWGISLNAVSLVNLVMSCGISVEFCSHITRAFTVSMKGSRVERAEEALAHMGSSVFS
GITLTKFGGIVVLAFAKSQIFQIFYFRMYLAMVLLGATHGLIFLPVLLSYIGPSVNKAKSCATEERYKGTERERLLNF
;
_entity_poly.pdbx_strand_id   A
#
# COMPACT_ATOMS: atom_id res chain seq x y z
N CYS A 334 -18.19 -2.44 -44.00
CA CYS A 334 -17.20 -2.09 -45.01
C CYS A 334 -15.86 -2.75 -44.71
N LEU A 335 -15.65 -3.10 -43.44
CA LEU A 335 -14.39 -3.70 -43.01
C LEU A 335 -14.12 -5.05 -43.68
N ARG A 336 -15.15 -5.70 -44.22
CA ARG A 336 -14.97 -7.03 -44.81
C ARG A 336 -14.18 -6.98 -46.11
N ARG A 337 -14.17 -5.86 -46.82
CA ARG A 337 -13.38 -5.76 -48.04
C ARG A 337 -11.89 -5.70 -47.72
N LEU A 338 -11.51 -4.79 -46.82
CA LEU A 338 -10.10 -4.68 -46.44
C LEU A 338 -9.64 -5.93 -45.69
N PHE A 339 -10.51 -6.50 -44.85
CA PHE A 339 -10.18 -7.73 -44.15
C PHE A 339 -9.98 -8.89 -45.13
N THR A 340 -10.82 -8.95 -46.17
CA THR A 340 -10.76 -10.06 -47.12
C THR A 340 -9.55 -9.94 -48.04
N ARG A 341 -9.38 -8.79 -48.68
CA ARG A 341 -8.20 -8.61 -49.53
C ARG A 341 -6.92 -8.61 -48.73
N TRP A 342 -6.99 -8.30 -47.42
CA TRP A 342 -5.81 -8.39 -46.58
C TRP A 342 -5.50 -9.84 -46.23
N GLY A 343 -6.52 -10.65 -45.96
CA GLY A 343 -6.31 -12.07 -45.78
C GLY A 343 -5.74 -12.72 -47.03
N SER A 344 -6.24 -12.32 -48.20
CA SER A 344 -5.67 -12.82 -49.45
C SER A 344 -4.26 -12.31 -49.67
N PHE A 345 -3.97 -11.09 -49.22
CA PHE A 345 -2.61 -10.55 -49.35
C PHE A 345 -1.63 -11.33 -48.49
N CYS A 346 -2.00 -11.59 -47.23
CA CYS A 346 -1.11 -12.31 -46.32
C CYS A 346 -0.98 -13.78 -46.74
N VAL A 347 -2.05 -14.37 -47.25
CA VAL A 347 -1.97 -15.74 -47.75
C VAL A 347 -1.08 -15.79 -48.99
N ARG A 348 -1.14 -14.75 -49.83
CA ARG A 348 -0.33 -14.66 -51.03
C ARG A 348 1.15 -14.69 -50.70
N ASN A 349 1.64 -13.65 -50.02
CA ASN A 349 3.06 -13.47 -49.71
C ASN A 349 3.25 -13.39 -48.20
N PRO A 350 3.36 -14.52 -47.50
CA PRO A 350 3.57 -14.46 -46.05
C PRO A 350 4.96 -13.99 -45.63
N GLY A 351 5.94 -14.06 -46.53
CA GLY A 351 7.29 -13.66 -46.16
C GLY A 351 7.38 -12.19 -45.79
N CYS A 352 6.82 -11.32 -46.64
CA CYS A 352 6.81 -9.90 -46.33
C CYS A 352 6.08 -9.63 -45.01
N VAL A 353 4.98 -10.33 -44.77
CA VAL A 353 4.19 -10.09 -43.57
C VAL A 353 4.97 -10.47 -42.32
N ILE A 354 5.45 -11.72 -42.26
CA ILE A 354 6.16 -12.17 -41.07
C ILE A 354 7.44 -11.37 -40.86
N PHE A 355 8.14 -11.06 -41.95
CA PHE A 355 9.37 -10.29 -41.84
C PHE A 355 9.10 -8.90 -41.27
N PHE A 356 8.16 -8.17 -41.87
CA PHE A 356 7.85 -6.81 -41.39
C PHE A 356 7.35 -6.84 -39.95
N SER A 357 6.44 -7.76 -39.63
CA SER A 357 5.91 -7.83 -38.28
C SER A 357 6.99 -8.21 -37.27
N LEU A 358 8.04 -8.92 -37.72
CA LEU A 358 9.16 -9.21 -36.84
C LEU A 358 10.08 -8.02 -36.68
N VAL A 359 10.22 -7.19 -37.72
CA VAL A 359 10.89 -5.91 -37.58
C VAL A 359 10.18 -5.07 -36.53
N PHE A 360 8.84 -5.09 -36.53
CA PHE A 360 8.08 -4.42 -35.49
C PHE A 360 8.33 -5.04 -34.12
N ILE A 361 8.29 -6.37 -34.05
CA ILE A 361 8.38 -7.06 -32.77
C ILE A 361 9.72 -6.79 -32.10
N THR A 362 10.81 -7.12 -32.79
CA THR A 362 12.13 -6.83 -32.23
C THR A 362 12.44 -5.34 -32.20
N ALA A 363 11.67 -4.52 -32.92
CA ALA A 363 11.84 -3.07 -32.84
C ALA A 363 11.35 -2.54 -31.50
N CYS A 364 10.11 -2.88 -31.13
CA CYS A 364 9.59 -2.43 -29.83
C CYS A 364 10.26 -3.16 -28.67
N SER A 365 10.49 -4.47 -28.82
CA SER A 365 11.06 -5.28 -27.76
C SER A 365 12.49 -4.90 -27.37
N SER A 366 13.14 -3.97 -28.09
CA SER A 366 14.45 -3.49 -27.68
C SER A 366 14.36 -2.52 -26.51
N GLY A 367 13.26 -1.76 -26.42
CA GLY A 367 13.03 -0.93 -25.25
C GLY A 367 12.81 -1.71 -23.97
N LEU A 368 12.46 -2.99 -24.09
CA LEU A 368 12.37 -3.84 -22.91
C LEU A 368 13.75 -4.01 -22.28
N VAL A 369 14.77 -4.23 -23.10
CA VAL A 369 16.14 -4.37 -22.59
C VAL A 369 16.73 -3.00 -22.26
N PHE A 370 16.38 -1.96 -23.02
CA PHE A 370 16.96 -0.64 -22.81
C PHE A 370 16.65 -0.07 -21.43
N VAL A 371 15.39 0.30 -21.19
CA VAL A 371 15.03 0.99 -19.96
C VAL A 371 14.74 0.00 -18.83
N ARG A 372 13.70 -0.83 -19.00
CA ARG A 372 13.44 -1.93 -18.07
C ARG A 372 13.10 -1.44 -16.66
N VAL A 373 13.13 -0.13 -16.42
CA VAL A 373 12.99 0.38 -15.05
C VAL A 373 11.63 -0.02 -14.48
N THR A 374 11.66 -0.56 -13.26
CA THR A 374 10.46 -0.89 -12.50
C THR A 374 10.50 -0.14 -11.19
N THR A 375 9.32 0.24 -10.71
CA THR A 375 9.21 1.01 -9.47
C THR A 375 8.76 0.10 -8.35
N ASN A 376 9.53 0.10 -7.26
CA ASN A 376 9.16 -0.56 -6.02
C ASN A 376 9.17 0.34 -4.77
N PRO A 377 9.53 1.63 -4.82
CA PRO A 377 9.43 2.43 -3.60
C PRO A 377 8.02 2.41 -3.05
N VAL A 378 7.91 2.65 -1.75
CA VAL A 378 6.64 2.50 -1.06
C VAL A 378 5.73 3.67 -1.41
N ASP A 379 6.18 4.51 -2.34
CA ASP A 379 5.33 5.56 -2.91
C ASP A 379 4.36 5.04 -3.95
N LEU A 380 4.34 3.72 -4.19
CA LEU A 380 3.43 3.13 -5.18
C LEU A 380 1.96 3.32 -4.84
N TRP A 381 1.63 3.67 -3.59
CA TRP A 381 0.25 3.72 -3.15
C TRP A 381 -0.28 5.14 -3.01
N SER A 382 0.29 6.09 -3.77
CA SER A 382 -0.21 7.45 -3.76
C SER A 382 0.28 8.16 -5.00
N ALA A 383 -0.52 9.12 -5.47
CA ALA A 383 -0.08 9.91 -6.60
C ALA A 383 0.61 11.18 -6.12
N PRO A 384 1.66 11.63 -6.81
CA PRO A 384 2.28 12.90 -6.44
C PRO A 384 1.29 14.06 -6.58
N SER A 385 1.58 15.12 -5.83
CA SER A 385 0.69 16.28 -5.71
C SER A 385 -0.66 15.89 -5.09
N SER A 386 -0.65 14.87 -4.24
CA SER A 386 -1.81 14.55 -3.43
C SER A 386 -1.74 15.31 -2.10
N GLN A 387 -2.82 15.22 -1.33
CA GLN A 387 -2.88 15.92 -0.05
C GLN A 387 -1.79 15.44 0.89
N ALA A 388 -1.83 14.16 1.28
CA ALA A 388 -0.86 13.63 2.21
C ALA A 388 0.55 13.62 1.64
N ARG A 389 0.68 13.47 0.32
CA ARG A 389 2.01 13.48 -0.31
C ARG A 389 2.68 14.84 -0.14
N LEU A 390 1.96 15.92 -0.46
CA LEU A 390 2.52 17.26 -0.32
C LEU A 390 2.74 17.61 1.15
N GLU A 391 1.78 17.26 2.02
CA GLU A 391 2.01 17.45 3.45
C GLU A 391 3.28 16.74 3.90
N LYS A 392 3.56 15.58 3.31
CA LYS A 392 4.82 14.89 3.58
C LYS A 392 6.00 15.73 3.12
N GLU A 393 5.87 16.42 1.97
CA GLU A 393 6.93 17.34 1.57
C GLU A 393 7.18 18.41 2.64
N TYR A 394 6.11 19.06 3.11
CA TYR A 394 6.28 20.15 4.08
C TYR A 394 6.90 19.63 5.38
N PHE A 395 6.43 18.48 5.87
CA PHE A 395 7.09 17.94 7.05
C PHE A 395 8.53 17.51 6.75
N ASP A 396 8.85 17.26 5.48
CA ASP A 396 10.21 16.92 5.11
C ASP A 396 11.10 18.14 4.93
N GLN A 397 10.54 19.35 4.99
CA GLN A 397 11.37 20.50 5.32
C GLN A 397 11.34 20.83 6.81
N HIS A 398 10.33 20.34 7.53
CA HIS A 398 10.17 20.69 8.94
C HIS A 398 11.24 20.05 9.82
N PHE A 399 11.07 18.76 10.14
CA PHE A 399 12.06 17.94 10.80
C PHE A 399 12.72 16.98 9.80
N GLY A 400 12.51 17.24 8.52
CA GLY A 400 12.98 16.35 7.50
C GLY A 400 12.18 15.07 7.53
N PRO A 401 12.83 13.95 7.25
CA PRO A 401 12.11 12.68 7.19
C PRO A 401 11.81 12.15 8.59
N PHE A 402 10.72 11.40 8.68
CA PHE A 402 10.42 10.66 9.89
C PHE A 402 11.40 9.51 10.04
N PHE A 403 11.91 9.32 11.27
CA PHE A 403 12.96 8.34 11.51
C PHE A 403 12.46 6.92 11.24
N ARG A 404 13.42 6.02 10.99
CA ARG A 404 13.11 4.60 10.88
C ARG A 404 13.19 3.98 12.28
N THR A 405 12.23 3.11 12.59
CA THR A 405 12.06 2.59 13.93
C THR A 405 12.49 1.13 13.99
N GLU A 406 13.52 0.85 14.79
CA GLU A 406 13.97 -0.50 15.08
C GLU A 406 13.55 -0.84 16.50
N GLN A 407 12.47 -1.59 16.64
CA GLN A 407 11.79 -1.77 17.91
C GLN A 407 11.91 -3.21 18.41
N LEU A 408 11.75 -3.38 19.71
CA LEU A 408 11.77 -4.69 20.37
C LEU A 408 10.69 -4.70 21.45
N ILE A 409 9.67 -5.52 21.25
CA ILE A 409 8.69 -5.80 22.30
C ILE A 409 9.14 -7.07 23.00
N ILE A 410 9.35 -6.98 24.31
CA ILE A 410 10.07 -8.01 25.06
C ILE A 410 9.29 -8.35 26.31
N ARG A 411 9.48 -9.57 26.80
CA ARG A 411 8.74 -10.06 27.97
C ARG A 411 9.43 -11.29 28.53
N ALA A 412 9.09 -11.63 29.76
CA ALA A 412 9.69 -12.77 30.46
C ALA A 412 8.62 -13.80 30.77
N PRO A 413 8.69 -15.01 30.21
CA PRO A 413 7.68 -16.03 30.50
C PRO A 413 8.00 -16.84 31.75
N LEU A 414 9.28 -16.91 32.13
CA LEU A 414 9.72 -17.79 33.20
C LEU A 414 10.04 -17.04 34.49
N THR A 415 9.32 -15.94 34.74
CA THR A 415 9.28 -15.31 36.06
C THR A 415 7.83 -14.96 36.37
N ASP A 416 7.53 -14.81 37.65
CA ASP A 416 6.20 -14.44 38.11
C ASP A 416 6.20 -13.04 38.71
N LYS A 417 5.02 -12.60 39.14
CA LYS A 417 4.89 -11.33 39.84
C LYS A 417 5.75 -11.32 41.10
N HIS A 418 6.03 -10.11 41.59
CA HIS A 418 6.67 -9.97 42.90
C HIS A 418 6.27 -8.63 43.48
N ILE A 419 5.96 -8.63 44.78
CA ILE A 419 5.29 -7.52 45.45
C ILE A 419 6.32 -6.66 46.18
N TYR A 420 6.15 -5.34 46.06
CA TYR A 420 6.93 -4.36 46.79
C TYR A 420 6.10 -3.83 47.96
N GLN A 421 6.61 -4.08 49.18
CA GLN A 421 6.06 -3.59 50.44
C GLN A 421 6.93 -2.44 50.91
N PRO A 422 6.54 -1.19 50.70
CA PRO A 422 7.39 -0.06 51.07
C PRO A 422 7.58 0.07 52.57
N TYR A 423 8.75 0.56 52.94
CA TYR A 423 9.03 0.93 54.32
C TYR A 423 9.12 2.44 54.42
N PRO A 424 8.35 3.08 55.31
CA PRO A 424 7.34 2.42 56.15
C PRO A 424 5.90 2.82 55.83
N SER A 425 5.71 3.68 54.84
CA SER A 425 4.38 4.23 54.55
C SER A 425 3.44 3.13 54.02
N GLY A 426 2.22 3.12 54.53
CA GLY A 426 1.28 2.06 54.25
C GLY A 426 0.64 2.06 52.88
N ALA A 427 1.16 1.21 52.01
CA ALA A 427 0.61 0.90 50.69
C ALA A 427 1.38 -0.30 50.19
N ASP A 428 0.86 -0.91 49.12
CA ASP A 428 1.50 -2.05 48.48
C ASP A 428 1.46 -1.84 46.97
N VAL A 429 2.52 -2.28 46.29
CA VAL A 429 2.55 -2.22 44.83
C VAL A 429 3.08 -3.53 44.27
N PRO A 430 2.26 -4.32 43.57
CA PRO A 430 2.76 -5.50 42.85
C PRO A 430 3.60 -5.09 41.66
N PHE A 431 4.46 -6.02 41.23
CA PHE A 431 5.37 -5.78 40.13
C PHE A 431 5.26 -6.94 39.15
N GLY A 432 5.05 -6.61 37.88
CA GLY A 432 4.81 -7.59 36.84
C GLY A 432 6.00 -8.50 36.60
N PRO A 433 5.81 -9.49 35.73
CA PRO A 433 6.86 -10.49 35.48
C PRO A 433 8.15 -9.87 34.98
N PRO A 434 8.14 -9.04 33.93
CA PRO A 434 9.41 -8.45 33.48
C PRO A 434 9.89 -7.30 34.33
N LEU A 435 9.12 -6.88 35.33
CA LEU A 435 9.57 -5.90 36.30
C LEU A 435 10.49 -6.50 37.36
N ASP A 436 10.70 -7.81 37.33
CA ASP A 436 11.71 -8.43 38.17
C ASP A 436 13.09 -7.87 37.81
N ILE A 437 13.94 -7.71 38.81
CA ILE A 437 15.19 -6.99 38.62
C ILE A 437 16.15 -7.78 37.72
N GLN A 438 16.18 -9.10 37.88
CA GLN A 438 17.12 -9.90 37.09
C GLN A 438 16.77 -9.86 35.60
N ILE A 439 15.47 -9.94 35.28
CA ILE A 439 15.05 -9.83 33.89
C ILE A 439 15.40 -8.47 33.33
N LEU A 440 15.25 -7.41 34.12
CA LEU A 440 15.69 -6.08 33.71
C LEU A 440 17.18 -6.07 33.41
N HIS A 441 17.96 -6.77 34.22
CA HIS A 441 19.41 -6.87 33.98
C HIS A 441 19.69 -7.54 32.65
N GLN A 442 19.07 -8.69 32.39
CA GLN A 442 19.28 -9.39 31.13
C GLN A 442 18.88 -8.51 29.94
N VAL A 443 17.74 -7.84 30.04
CA VAL A 443 17.29 -6.93 29.00
C VAL A 443 18.32 -5.82 28.78
N LEU A 444 18.99 -5.39 29.84
CA LEU A 444 20.06 -4.41 29.67
C LEU A 444 21.26 -5.02 28.96
N ASP A 445 21.55 -6.30 29.22
CA ASP A 445 22.63 -6.97 28.48
C ASP A 445 22.32 -7.03 27.00
N LEU A 446 21.10 -7.45 26.64
CA LEU A 446 20.68 -7.44 25.24
C LEU A 446 20.77 -6.03 24.65
N GLN A 447 20.36 -5.03 25.44
CA GLN A 447 20.37 -3.64 24.98
C GLN A 447 21.77 -3.16 24.66
N ILE A 448 22.74 -3.49 25.52
CA ILE A 448 24.12 -3.11 25.24
C ILE A 448 24.69 -3.94 24.10
N ALA A 449 24.20 -5.16 23.92
CA ALA A 449 24.63 -5.98 22.79
C ALA A 449 24.22 -5.33 21.48
N ILE A 450 23.01 -4.80 21.41
CA ILE A 450 22.58 -4.09 20.20
C ILE A 450 23.31 -2.75 20.08
N GLU A 451 23.49 -2.05 21.21
CA GLU A 451 24.05 -0.71 21.21
C GLU A 451 25.38 -0.65 20.45
N ASN A 452 26.14 -1.73 20.47
CA ASN A 452 27.36 -1.87 19.66
C ASN A 452 27.20 -3.09 18.77
N ILE A 453 26.47 -2.91 17.66
CA ILE A 453 26.35 -3.91 16.61
C ILE A 453 27.05 -3.36 15.37
N THR A 454 27.96 -4.14 14.81
CA THR A 454 28.82 -3.68 13.72
C THR A 454 28.35 -4.26 12.40
N ALA A 455 28.20 -3.40 11.41
CA ALA A 455 27.91 -3.78 10.03
C ALA A 455 28.95 -3.15 9.12
N SER A 456 29.12 -3.76 7.94
CA SER A 456 30.17 -3.35 7.00
C SER A 456 29.52 -2.89 5.70
N TYR A 457 29.68 -1.61 5.38
CA TYR A 457 29.23 -1.03 4.13
C TYR A 457 30.41 -0.31 3.49
N ASP A 458 30.63 -0.55 2.19
CA ASP A 458 31.80 -0.05 1.47
C ASP A 458 33.08 -0.58 2.11
N ASN A 459 33.04 -1.83 2.58
CA ASN A 459 34.16 -2.46 3.29
C ASN A 459 34.67 -1.56 4.41
N GLU A 460 33.73 -1.00 5.18
CA GLU A 460 34.06 -0.09 6.27
C GLU A 460 33.37 -0.52 7.55
N THR A 461 33.45 0.31 8.59
CA THR A 461 32.90 -0.01 9.89
C THR A 461 31.74 0.93 10.22
N VAL A 462 30.61 0.37 10.62
CA VAL A 462 29.43 1.13 10.98
C VAL A 462 28.79 0.50 12.20
N THR A 463 28.58 1.29 13.24
CA THR A 463 27.86 0.88 14.44
C THR A 463 26.50 1.57 14.47
N LEU A 464 25.76 1.36 15.56
CA LEU A 464 24.50 2.07 15.75
C LEU A 464 24.74 3.55 16.04
N GLN A 465 25.88 3.87 16.66
CA GLN A 465 26.23 5.27 16.92
C GLN A 465 26.34 6.07 15.62
N ASP A 466 26.64 5.41 14.52
CA ASP A 466 26.82 6.09 13.23
C ASP A 466 25.50 6.46 12.57
N ILE A 467 24.41 5.77 12.89
CA ILE A 467 23.15 5.97 12.19
C ILE A 467 22.03 6.49 13.08
N CYS A 468 22.07 6.24 14.39
CA CYS A 468 21.03 6.71 15.28
C CYS A 468 20.94 8.24 15.24
N LEU A 469 19.75 8.75 15.59
CA LEU A 469 19.56 10.20 15.70
C LEU A 469 19.77 10.59 17.16
N ALA A 470 20.88 11.27 17.43
CA ALA A 470 21.11 11.89 18.72
C ALA A 470 20.70 13.35 18.61
N PRO A 471 19.76 13.83 19.43
CA PRO A 471 19.34 15.23 19.29
C PRO A 471 20.48 16.21 19.55
N LEU A 472 21.28 15.95 20.57
CA LEU A 472 22.34 16.86 20.98
C LEU A 472 23.65 16.44 20.33
N SER A 473 24.29 17.38 19.62
CA SER A 473 25.58 17.13 18.98
C SER A 473 26.35 18.44 18.92
N PRO A 474 27.66 18.43 19.19
CA PRO A 474 28.42 17.24 19.58
C PRO A 474 28.37 16.98 21.09
N TYR A 475 27.74 17.89 21.83
CA TYR A 475 27.50 17.68 23.25
C TYR A 475 26.57 16.50 23.42
N ASN A 476 27.03 15.48 24.16
CA ASN A 476 26.22 14.31 24.49
C ASN A 476 25.65 13.66 23.23
N THR A 477 26.47 12.90 22.50
CA THR A 477 26.01 12.16 21.34
C THR A 477 25.39 10.81 21.72
N ASN A 478 24.85 10.69 22.93
CA ASN A 478 24.20 9.44 23.34
C ASN A 478 23.02 9.13 22.44
N CYS A 479 22.92 7.88 22.00
CA CYS A 479 21.90 7.51 21.03
C CYS A 479 20.52 7.46 21.66
N THR A 480 19.52 7.89 20.91
CA THR A 480 18.14 7.85 21.38
C THR A 480 17.66 6.42 21.46
N ILE A 481 17.43 5.93 22.68
CA ILE A 481 16.92 4.59 22.91
C ILE A 481 15.77 4.69 23.90
N LEU A 482 14.55 4.45 23.42
CA LEU A 482 13.36 4.48 24.24
C LEU A 482 13.15 3.11 24.87
N SER A 483 13.84 2.89 25.99
CA SER A 483 13.65 1.72 26.83
C SER A 483 13.44 2.19 28.26
N VAL A 484 12.87 1.30 29.08
CA VAL A 484 12.65 1.65 30.48
C VAL A 484 13.98 1.82 31.21
N LEU A 485 15.02 1.13 30.75
CA LEU A 485 16.32 1.18 31.43
C LEU A 485 16.94 2.57 31.39
N ASN A 486 16.48 3.45 30.49
CA ASN A 486 16.98 4.81 30.48
C ASN A 486 16.50 5.62 31.67
N TYR A 487 15.54 5.11 32.45
CA TYR A 487 15.27 5.72 33.75
C TYR A 487 16.48 5.60 34.66
N PHE A 488 17.28 4.55 34.47
CA PHE A 488 18.51 4.34 35.23
C PHE A 488 19.75 4.59 34.38
N GLN A 489 19.60 5.34 33.28
CA GLN A 489 20.71 5.74 32.42
C GLN A 489 21.49 4.55 31.87
N ASN A 490 20.78 3.46 31.57
CA ASN A 490 21.35 2.28 30.91
C ASN A 490 22.58 1.75 31.64
N SER A 491 22.60 1.90 32.97
CA SER A 491 23.76 1.52 33.76
C SER A 491 23.32 0.65 34.92
N HIS A 492 23.99 -0.50 35.09
CA HIS A 492 23.69 -1.39 36.21
C HIS A 492 23.99 -0.71 37.54
N SER A 493 25.11 0.02 37.61
CA SER A 493 25.51 0.66 38.86
C SER A 493 24.48 1.68 39.31
N VAL A 494 23.73 2.27 38.38
CA VAL A 494 22.66 3.18 38.77
C VAL A 494 21.35 2.43 39.00
N LEU A 495 21.19 1.26 38.36
CA LEU A 495 20.01 0.45 38.59
C LEU A 495 20.04 -0.19 39.98
N ASP A 496 21.24 -0.44 40.50
CA ASP A 496 21.42 -1.11 41.79
C ASP A 496 21.76 -0.12 42.89
N HIS A 497 21.14 1.05 42.88
CA HIS A 497 21.15 1.89 44.06
C HIS A 497 20.22 1.29 45.11
N LYS A 498 20.61 1.41 46.38
CA LYS A 498 19.76 0.89 47.45
C LYS A 498 19.92 1.69 48.74
N LYS A 499 19.35 2.90 48.79
CA LYS A 499 19.34 3.65 50.03
C LYS A 499 18.64 2.86 51.13
N GLY A 500 19.29 2.76 52.28
CA GLY A 500 18.74 1.98 53.38
C GLY A 500 19.77 1.08 54.02
N ASP A 501 19.70 0.93 55.33
CA ASP A 501 20.65 0.09 56.06
C ASP A 501 20.47 -1.36 55.63
N ASP A 502 21.34 -2.24 56.15
CA ASP A 502 21.40 -3.61 55.64
C ASP A 502 20.30 -4.51 56.22
N PHE A 503 19.14 -3.92 56.52
CA PHE A 503 17.98 -4.70 56.92
C PHE A 503 16.71 -4.15 56.26
N PHE A 504 16.55 -2.83 56.30
CA PHE A 504 15.40 -2.17 55.68
C PHE A 504 15.81 -1.50 54.37
N VAL A 505 14.84 -1.28 53.51
CA VAL A 505 15.05 -0.67 52.20
C VAL A 505 14.17 0.57 52.13
N TYR A 506 14.78 1.75 52.25
CA TYR A 506 14.00 2.98 52.17
C TYR A 506 13.70 3.37 50.73
N ALA A 507 14.56 2.96 49.79
CA ALA A 507 14.40 3.30 48.38
C ALA A 507 15.30 2.45 47.50
N ASP A 508 14.71 1.62 46.64
CA ASP A 508 15.48 0.87 45.64
C ASP A 508 14.98 1.19 44.25
N TYR A 509 15.10 0.24 43.31
CA TYR A 509 14.68 0.51 41.94
C TYR A 509 13.17 0.61 41.84
N HIS A 510 12.43 -0.08 42.72
CA HIS A 510 10.98 0.07 42.76
C HIS A 510 10.59 1.53 42.93
N THR A 511 11.22 2.21 43.88
CA THR A 511 10.86 3.59 44.19
C THR A 511 11.19 4.52 43.03
N HIS A 512 12.43 4.46 42.54
CA HIS A 512 12.83 5.30 41.42
C HIS A 512 11.95 5.05 40.19
N PHE A 513 11.52 3.80 39.99
CA PHE A 513 10.59 3.52 38.90
C PHE A 513 9.25 4.17 39.14
N LEU A 514 8.63 3.92 40.30
CA LEU A 514 7.33 4.50 40.64
C LEU A 514 7.37 6.01 40.81
N TYR A 515 8.54 6.65 40.71
CA TYR A 515 8.62 8.10 40.65
C TYR A 515 8.88 8.62 39.25
N CYS A 516 9.72 7.92 38.47
CA CYS A 516 10.01 8.38 37.11
C CYS A 516 8.77 8.28 36.22
N VAL A 517 8.03 7.18 36.31
CA VAL A 517 6.87 6.98 35.44
C VAL A 517 5.74 7.94 35.82
N ARG A 518 5.96 8.74 36.86
CA ARG A 518 5.05 9.82 37.24
C ARG A 518 5.55 11.20 36.84
N ALA A 519 6.86 11.41 36.80
CA ALA A 519 7.45 12.65 36.31
C ALA A 519 8.74 12.31 35.59
N PRO A 520 8.65 11.80 34.35
CA PRO A 520 9.82 11.25 33.67
C PRO A 520 10.77 12.28 33.09
N ALA A 521 10.65 13.55 33.44
CA ALA A 521 11.58 14.58 32.99
C ALA A 521 12.24 15.29 34.17
N SER A 522 12.23 14.67 35.35
CA SER A 522 12.88 15.24 36.52
C SER A 522 14.32 14.75 36.60
N LEU A 523 15.23 15.67 36.91
CA LEU A 523 16.64 15.33 37.03
C LEU A 523 17.04 14.88 38.43
N ASN A 524 16.15 15.02 39.40
CA ASN A 524 16.45 14.65 40.79
C ASN A 524 15.29 13.82 41.34
N ASP A 525 15.58 12.56 41.66
CA ASP A 525 14.62 11.77 42.43
C ASP A 525 14.37 12.45 43.77
N THR A 526 13.13 12.33 44.26
CA THR A 526 12.77 12.98 45.51
C THR A 526 13.54 12.43 46.70
N SER A 527 14.04 11.19 46.61
CA SER A 527 14.68 10.56 47.76
C SER A 527 15.99 9.85 47.41
N LEU A 528 15.92 8.87 46.51
CA LEU A 528 17.06 7.99 46.24
C LEU A 528 18.25 8.74 45.66
N LEU A 529 19.15 9.21 46.54
CA LEU A 529 20.40 9.88 46.18
C LEU A 529 20.20 10.89 45.05
N HIS A 530 18.96 11.36 44.88
CA HIS A 530 18.58 12.27 43.80
C HIS A 530 19.05 11.74 42.45
N ASP A 531 18.74 10.47 42.19
CA ASP A 531 18.98 9.90 40.87
C ASP A 531 18.09 10.60 39.84
N PRO A 532 18.56 10.72 38.60
CA PRO A 532 17.76 11.39 37.56
C PRO A 532 16.81 10.45 36.83
N CYS A 533 15.70 11.02 36.38
CA CYS A 533 14.73 10.30 35.57
C CYS A 533 14.90 10.54 34.08
N LEU A 534 15.74 11.49 33.69
CA LEU A 534 16.20 11.54 32.31
C LEU A 534 17.05 10.30 32.01
N GLY A 535 17.50 10.21 30.76
CA GLY A 535 18.29 9.08 30.30
C GLY A 535 19.56 9.53 29.60
N THR A 536 20.35 8.53 29.17
CA THR A 536 21.34 8.75 28.15
C THR A 536 20.59 9.40 27.00
N PHE A 537 20.72 10.71 26.88
CA PHE A 537 19.58 11.49 26.40
C PHE A 537 19.08 11.13 25.00
N GLY A 538 18.11 10.22 24.96
CA GLY A 538 17.21 10.12 23.84
C GLY A 538 16.00 10.99 24.13
N GLY A 539 15.81 11.32 25.41
CA GLY A 539 14.76 12.23 25.82
C GLY A 539 14.08 11.80 27.11
N PRO A 540 13.18 12.64 27.61
CA PRO A 540 12.33 12.24 28.73
C PRO A 540 11.48 11.04 28.37
N VAL A 541 11.82 9.88 28.93
CA VAL A 541 11.26 8.60 28.50
C VAL A 541 9.84 8.46 29.06
N PHE A 542 8.84 8.59 28.20
CA PHE A 542 7.47 8.40 28.63
C PHE A 542 7.14 6.91 28.71
N PRO A 543 6.32 6.49 29.69
CA PRO A 543 6.10 5.05 29.92
C PRO A 543 5.20 4.37 28.89
N TRP A 544 4.63 5.08 27.92
CA TRP A 544 3.87 4.40 26.88
C TRP A 544 4.76 3.90 25.75
N LEU A 545 5.91 4.52 25.55
CA LEU A 545 6.87 4.12 24.53
C LEU A 545 7.82 3.03 25.02
N VAL A 546 7.68 2.57 26.27
CA VAL A 546 8.64 1.65 26.85
C VAL A 546 7.97 0.57 27.68
N LEU A 547 6.67 0.74 27.96
CA LEU A 547 5.93 -0.24 28.75
C LEU A 547 4.71 -0.70 27.99
N GLY A 548 4.33 -1.96 28.19
CA GLY A 548 3.19 -2.52 27.51
C GLY A 548 2.50 -3.56 28.37
N GLY A 549 1.26 -3.86 28.01
CA GLY A 549 0.49 -4.87 28.70
C GLY A 549 0.10 -4.52 30.13
N TYR A 550 0.27 -3.28 30.55
CA TYR A 550 -0.11 -2.87 31.89
C TYR A 550 -1.60 -2.53 31.91
N ASP A 551 -2.06 -1.91 33.00
CA ASP A 551 -3.45 -1.49 33.07
C ASP A 551 -3.55 -0.19 33.85
N ASP A 552 -4.13 0.84 33.22
CA ASP A 552 -4.85 1.89 33.93
C ASP A 552 -3.96 2.69 34.88
N GLN A 553 -2.92 3.34 34.33
CA GLN A 553 -1.99 4.18 35.08
C GLN A 553 -1.27 3.39 36.19
N ASN A 554 -1.44 2.07 36.24
CA ASN A 554 -0.65 1.22 37.14
C ASN A 554 0.46 0.58 36.29
N TYR A 555 1.47 1.40 35.98
CA TYR A 555 2.60 0.91 35.20
C TYR A 555 3.35 -0.20 35.91
N ASN A 556 3.15 -0.36 37.21
CA ASN A 556 3.86 -1.35 38.01
C ASN A 556 3.46 -2.78 37.70
N ASN A 557 2.48 -3.02 36.82
CA ASN A 557 2.14 -4.36 36.40
C ASN A 557 2.47 -4.61 34.93
N ALA A 558 3.43 -3.86 34.38
CA ALA A 558 3.77 -3.98 32.96
C ALA A 558 4.26 -5.38 32.63
N THR A 559 3.58 -6.03 31.69
CA THR A 559 3.89 -7.41 31.32
C THR A 559 4.93 -7.52 30.21
N ALA A 560 5.28 -6.42 29.55
CA ALA A 560 6.19 -6.48 28.41
C ALA A 560 6.80 -5.11 28.19
N LEU A 561 8.13 -5.03 28.19
CA LEU A 561 8.83 -3.78 27.95
C LEU A 561 9.00 -3.55 26.45
N VAL A 562 9.35 -2.31 26.11
CA VAL A 562 9.59 -1.91 24.72
C VAL A 562 10.91 -1.17 24.66
N ILE A 563 11.75 -1.54 23.68
CA ILE A 563 13.04 -0.90 23.44
C ILE A 563 13.02 -0.40 22.01
N THR A 564 12.96 0.92 21.83
CA THR A 564 12.84 1.53 20.51
C THR A 564 14.12 2.28 20.17
N PHE A 565 14.85 1.78 19.18
CA PHE A 565 15.97 2.49 18.59
C PHE A 565 15.48 3.24 17.34
N PRO A 566 15.24 4.55 17.42
CA PRO A 566 15.00 5.30 16.19
C PRO A 566 16.32 5.71 15.55
N VAL A 567 16.34 5.69 14.22
CA VAL A 567 17.53 5.92 13.42
C VAL A 567 17.18 6.91 12.32
N ASN A 568 18.12 7.81 12.01
CA ASN A 568 17.91 8.76 10.92
C ASN A 568 17.63 8.01 9.61
N ASN A 569 16.76 8.61 8.78
CA ASN A 569 16.20 7.95 7.61
C ASN A 569 16.09 8.96 6.46
N TYR A 570 17.23 9.34 5.90
CA TYR A 570 17.25 10.33 4.83
C TYR A 570 16.60 9.78 3.57
N TYR A 571 15.71 10.57 2.97
CA TYR A 571 15.01 10.15 1.75
C TYR A 571 15.75 10.53 0.49
N ASN A 572 16.51 11.63 0.49
CA ASN A 572 17.22 12.12 -0.68
C ASN A 572 18.71 11.85 -0.58
N ASP A 573 19.07 10.67 -0.08
CA ASP A 573 20.46 10.22 0.01
C ASP A 573 20.46 8.71 0.16
N THR A 574 21.32 8.04 -0.60
CA THR A 574 21.31 6.58 -0.62
C THR A 574 22.53 5.95 0.03
N GLU A 575 23.66 6.66 0.09
CA GLU A 575 24.83 6.14 0.81
C GLU A 575 24.48 5.88 2.27
N LYS A 576 24.06 6.93 2.98
CA LYS A 576 23.70 6.79 4.38
C LYS A 576 22.50 5.87 4.56
N LEU A 577 21.57 5.89 3.60
CA LEU A 577 20.38 5.06 3.71
C LEU A 577 20.74 3.57 3.67
N GLN A 578 21.50 3.15 2.66
CA GLN A 578 21.89 1.75 2.58
C GLN A 578 22.86 1.37 3.68
N ARG A 579 23.63 2.33 4.20
CA ARG A 579 24.37 2.10 5.44
C ARG A 579 23.43 1.66 6.55
N ALA A 580 22.40 2.49 6.82
CA ALA A 580 21.45 2.16 7.88
C ALA A 580 20.74 0.85 7.60
N GLN A 581 20.47 0.54 6.33
CA GLN A 581 19.76 -0.70 5.99
C GLN A 581 20.63 -1.92 6.25
N ALA A 582 21.91 -1.84 5.88
CA ALA A 582 22.83 -2.92 6.20
C ALA A 582 22.88 -3.16 7.71
N TRP A 583 23.01 -2.08 8.48
CA TRP A 583 22.95 -2.25 9.93
C TRP A 583 21.62 -2.84 10.37
N GLU A 584 20.55 -2.56 9.63
CA GLU A 584 19.22 -3.05 10.04
C GLU A 584 19.11 -4.55 9.82
N LYS A 585 19.60 -5.08 8.69
CA LYS A 585 19.57 -6.52 8.52
C LYS A 585 20.54 -7.21 9.47
N GLU A 586 21.65 -6.56 9.81
CA GLU A 586 22.51 -7.08 10.88
C GLU A 586 21.74 -7.18 12.19
N PHE A 587 20.97 -6.15 12.54
CA PHE A 587 20.15 -6.17 13.74
C PHE A 587 19.14 -7.31 13.68
N ILE A 588 18.46 -7.46 12.54
CA ILE A 588 17.44 -8.50 12.40
C ILE A 588 18.04 -9.88 12.62
N ASN A 589 19.20 -10.14 12.01
CA ASN A 589 19.85 -11.43 12.21
C ASN A 589 20.31 -11.60 13.66
N PHE A 590 20.76 -10.51 14.30
CA PHE A 590 21.21 -10.61 15.68
C PHE A 590 20.06 -10.98 16.61
N VAL A 591 18.87 -10.42 16.38
CA VAL A 591 17.74 -10.73 17.23
C VAL A 591 17.15 -12.10 16.91
N LYS A 592 17.18 -12.50 15.62
CA LYS A 592 16.71 -13.84 15.26
C LYS A 592 17.54 -14.92 15.93
N ASN A 593 18.79 -14.62 16.27
CA ASN A 593 19.71 -15.56 16.91
C ASN A 593 20.15 -14.96 18.23
N TYR A 594 19.28 -15.04 19.24
CA TYR A 594 19.59 -14.59 20.58
C TYR A 594 19.05 -15.63 21.56
N LYS A 595 19.95 -16.39 22.19
CA LYS A 595 19.57 -17.46 23.11
C LYS A 595 19.37 -16.88 24.50
N ASN A 596 18.13 -16.92 24.99
CA ASN A 596 17.80 -16.42 26.33
C ASN A 596 16.51 -17.10 26.76
N PRO A 597 16.61 -18.20 27.51
CA PRO A 597 15.40 -18.96 27.86
C PRO A 597 14.47 -18.24 28.81
N ASN A 598 14.88 -17.13 29.42
CA ASN A 598 13.98 -16.37 30.29
C ASN A 598 13.25 -15.25 29.55
N LEU A 599 13.42 -15.13 28.24
CA LEU A 599 12.85 -14.04 27.47
C LEU A 599 12.10 -14.56 26.25
N THR A 600 11.13 -13.76 25.79
CA THR A 600 10.40 -14.02 24.56
C THR A 600 10.31 -12.68 23.82
N ILE A 601 11.12 -12.53 22.77
CA ILE A 601 11.28 -11.25 22.10
C ILE A 601 10.29 -11.09 20.97
N SER A 602 10.23 -9.87 20.42
CA SER A 602 9.50 -9.54 19.20
C SER A 602 10.09 -8.25 18.68
N PHE A 603 10.43 -8.22 17.38
CA PHE A 603 11.25 -7.14 16.87
C PHE A 603 10.80 -6.71 15.48
N THR A 604 11.36 -5.59 15.04
CA THR A 604 11.07 -5.00 13.74
C THR A 604 12.07 -3.90 13.44
N ALA A 605 12.72 -3.97 12.28
CA ALA A 605 13.45 -2.85 11.69
C ALA A 605 12.63 -2.33 10.52
N GLU A 606 12.70 -1.02 10.27
CA GLU A 606 11.78 -0.41 9.31
C GLU A 606 12.08 -0.87 7.89
N ARG A 607 13.06 -1.76 7.74
CA ARG A 607 13.28 -2.45 6.48
C ARG A 607 12.70 -3.86 6.51
N SER A 608 11.94 -4.21 7.54
CA SER A 608 11.45 -5.58 7.69
C SER A 608 10.33 -5.89 6.69
N ILE A 609 9.46 -4.91 6.43
CA ILE A 609 8.26 -5.19 5.64
C ILE A 609 8.59 -5.27 4.16
N GLU A 610 9.46 -4.40 3.66
CA GLU A 610 9.89 -4.48 2.28
C GLU A 610 10.64 -5.78 2.01
N ASP A 611 11.60 -6.10 2.89
CA ASP A 611 12.38 -7.33 2.73
C ASP A 611 11.51 -8.57 2.85
N GLU A 612 10.53 -8.55 3.76
CA GLU A 612 9.66 -9.70 3.95
C GLU A 612 8.63 -9.84 2.84
N LEU A 613 8.26 -8.73 2.19
CA LEU A 613 7.40 -8.83 1.02
C LEU A 613 8.16 -9.38 -0.18
N ASN A 614 9.38 -8.89 -0.40
CA ASN A 614 10.25 -9.46 -1.42
C ASN A 614 10.44 -10.96 -1.20
N ARG A 615 10.74 -11.35 0.05
CA ARG A 615 10.83 -12.76 0.37
C ARG A 615 9.50 -13.47 0.12
N GLU A 616 8.39 -12.79 0.36
CA GLU A 616 7.08 -13.43 0.24
C GLU A 616 6.76 -13.79 -1.20
N SER A 617 6.95 -12.85 -2.13
CA SER A 617 6.54 -13.09 -3.50
C SER A 617 7.59 -13.88 -4.28
N ASP A 618 8.26 -14.82 -3.63
CA ASP A 618 9.25 -15.65 -4.27
C ASP A 618 8.98 -17.14 -4.15
N SER A 619 8.09 -17.57 -3.26
CA SER A 619 7.81 -19.00 -3.12
C SER A 619 6.84 -19.50 -4.17
N ASP A 620 6.03 -18.61 -4.74
CA ASP A 620 4.96 -19.00 -5.65
C ASP A 620 5.27 -18.66 -7.11
N VAL A 621 6.50 -18.25 -7.42
CA VAL A 621 6.88 -17.99 -8.80
C VAL A 621 6.88 -19.28 -9.61
N PHE A 622 7.44 -20.35 -9.03
CA PHE A 622 7.41 -21.66 -9.68
C PHE A 622 5.98 -22.09 -9.99
N THR A 623 5.05 -21.82 -9.08
CA THR A 623 3.65 -22.22 -9.28
C THR A 623 3.02 -21.45 -10.44
N VAL A 624 3.35 -20.18 -10.58
CA VAL A 624 2.87 -19.40 -11.73
C VAL A 624 3.45 -19.96 -13.02
N VAL A 625 4.76 -20.25 -13.02
CA VAL A 625 5.41 -20.78 -14.22
C VAL A 625 4.78 -22.11 -14.63
N ILE A 626 4.46 -22.95 -13.66
CA ILE A 626 3.86 -24.24 -13.99
C ILE A 626 2.41 -24.07 -14.44
N SER A 627 1.72 -23.05 -13.92
CA SER A 627 0.40 -22.70 -14.45
C SER A 627 0.48 -22.35 -15.93
N TYR A 628 1.42 -21.45 -16.29
CA TYR A 628 1.60 -21.11 -17.69
C TYR A 628 2.05 -22.32 -18.51
N ALA A 629 2.76 -23.26 -17.90
CA ALA A 629 3.13 -24.48 -18.60
C ALA A 629 1.89 -25.29 -18.97
N ILE A 630 0.97 -25.44 -18.01
CA ILE A 630 -0.28 -26.14 -18.30
C ILE A 630 -1.04 -25.43 -19.42
N MET A 631 -1.20 -24.11 -19.31
CA MET A 631 -1.98 -23.37 -20.30
C MET A 631 -1.37 -23.49 -21.69
N PHE A 632 -0.04 -23.31 -21.80
CA PHE A 632 0.62 -23.43 -23.08
C PHE A 632 0.50 -24.83 -23.65
N LEU A 633 0.57 -25.85 -22.79
CA LEU A 633 0.36 -27.23 -23.24
C LEU A 633 -1.03 -27.39 -23.85
N TYR A 634 -2.06 -26.93 -23.15
CA TYR A 634 -3.42 -27.00 -23.67
C TYR A 634 -3.53 -26.29 -25.01
N ILE A 635 -2.89 -25.12 -25.14
CA ILE A 635 -2.93 -24.40 -26.42
C ILE A 635 -2.24 -25.21 -27.50
N SER A 636 -1.21 -25.97 -27.14
CA SER A 636 -0.46 -26.72 -28.14
C SER A 636 -1.25 -27.93 -28.63
N LEU A 637 -1.95 -28.63 -27.74
CA LEU A 637 -2.59 -29.88 -28.12
C LEU A 637 -4.07 -29.74 -28.47
N ALA A 638 -4.82 -28.91 -27.76
CA ALA A 638 -6.28 -28.89 -27.85
C ALA A 638 -6.79 -28.01 -28.98
N LEU A 639 -5.98 -27.73 -30.00
CA LEU A 639 -6.44 -26.96 -31.14
C LEU A 639 -7.26 -27.84 -32.09
N GLY A 640 -6.60 -28.68 -32.86
CA GLY A 640 -7.27 -29.57 -33.79
C GLY A 640 -6.37 -30.65 -34.35
N VAL A 650 -0.80 -38.53 -35.86
CA VAL A 650 0.10 -37.48 -35.39
C VAL A 650 -0.04 -36.25 -36.30
N ASP A 651 -1.28 -35.89 -36.60
CA ASP A 651 -1.58 -34.68 -37.36
C ASP A 651 -2.42 -33.77 -36.47
N SER A 652 -1.81 -32.69 -35.99
CA SER A 652 -2.46 -31.75 -35.09
C SER A 652 -1.73 -30.42 -35.21
N LYS A 653 -2.16 -29.45 -34.41
CA LYS A 653 -1.67 -28.08 -34.53
C LYS A 653 -0.84 -27.73 -33.30
N VAL A 654 0.35 -28.32 -33.22
CA VAL A 654 1.28 -28.03 -32.13
C VAL A 654 2.08 -26.76 -32.42
N SER A 655 2.79 -26.76 -33.56
CA SER A 655 3.58 -25.59 -33.93
C SER A 655 2.72 -24.34 -34.08
N LEU A 656 1.45 -24.52 -34.48
CA LEU A 656 0.55 -23.38 -34.56
C LEU A 656 0.29 -22.79 -33.18
N GLY A 657 -0.08 -23.62 -32.21
CA GLY A 657 -0.30 -23.13 -30.87
C GLY A 657 0.92 -22.46 -30.29
N ILE A 658 2.10 -23.05 -30.50
CA ILE A 658 3.33 -22.42 -30.05
C ILE A 658 3.51 -21.05 -30.71
N ALA A 659 3.16 -20.97 -32.01
CA ALA A 659 3.31 -19.70 -32.73
C ALA A 659 2.39 -18.63 -32.16
N GLY A 660 1.14 -18.98 -31.88
CA GLY A 660 0.22 -18.02 -31.28
C GLY A 660 0.66 -17.58 -29.89
N ILE A 661 1.14 -18.53 -29.09
CA ILE A 661 1.75 -18.19 -27.80
C ILE A 661 2.83 -17.14 -27.99
N LEU A 662 3.74 -17.38 -28.93
CA LEU A 662 4.85 -16.45 -29.15
C LEU A 662 4.37 -15.11 -29.69
N ILE A 663 3.23 -15.08 -30.40
CA ILE A 663 2.70 -13.80 -30.86
C ILE A 663 2.13 -13.01 -29.70
N VAL A 664 1.44 -13.69 -28.77
CA VAL A 664 0.94 -13.02 -27.57
C VAL A 664 2.10 -12.44 -26.77
N LEU A 665 3.12 -13.27 -26.50
CA LEU A 665 4.27 -12.79 -25.75
C LEU A 665 5.00 -11.67 -26.49
N SER A 666 5.01 -11.72 -27.82
CA SER A 666 5.60 -10.63 -28.60
C SER A 666 4.80 -9.34 -28.45
N SER A 667 3.48 -9.44 -28.31
CA SER A 667 2.68 -8.25 -28.05
C SER A 667 2.97 -7.70 -26.65
N VAL A 668 3.09 -8.58 -25.66
CA VAL A 668 3.38 -8.15 -24.29
C VAL A 668 4.73 -7.43 -24.24
N ALA A 669 5.80 -8.08 -24.73
CA ALA A 669 7.11 -7.46 -24.73
C ALA A 669 7.20 -6.28 -25.69
N CYS A 670 6.30 -6.19 -26.67
CA CYS A 670 6.26 -5.02 -27.53
C CYS A 670 5.74 -3.81 -26.77
N SER A 671 4.55 -3.95 -26.14
CA SER A 671 4.00 -2.85 -25.36
C SER A 671 4.92 -2.46 -24.22
N LEU A 672 5.43 -3.45 -23.49
CA LEU A 672 6.42 -3.18 -22.45
C LEU A 672 7.64 -2.46 -23.03
N GLY A 673 8.05 -2.84 -24.24
CA GLY A 673 9.24 -2.25 -24.83
C GLY A 673 9.04 -0.78 -25.16
N VAL A 674 7.92 -0.45 -25.82
CA VAL A 674 7.70 0.94 -26.20
C VAL A 674 7.41 1.79 -24.96
N PHE A 675 6.69 1.25 -23.98
CA PHE A 675 6.37 2.05 -22.81
C PHE A 675 7.61 2.27 -21.94
N SER A 676 8.50 1.28 -21.86
CA SER A 676 9.77 1.52 -21.21
C SER A 676 10.61 2.51 -22.00
N TYR A 677 10.54 2.45 -23.33
CA TYR A 677 11.23 3.40 -24.19
C TYR A 677 10.93 4.84 -23.77
N ILE A 678 9.65 5.21 -23.73
CA ILE A 678 9.24 6.55 -23.33
C ILE A 678 9.56 6.85 -21.88
N GLY A 679 9.87 5.82 -21.09
CA GLY A 679 10.14 6.02 -19.68
C GLY A 679 8.91 5.84 -18.83
N LEU A 680 8.64 4.60 -18.42
CA LEU A 680 7.49 4.33 -17.56
C LEU A 680 7.84 3.25 -16.55
N PRO A 681 7.77 3.55 -15.26
CA PRO A 681 7.90 2.51 -14.24
C PRO A 681 6.89 1.40 -14.44
N LEU A 682 7.25 0.20 -13.98
CA LEU A 682 6.58 -1.05 -14.34
C LEU A 682 6.29 -1.84 -13.06
N THR A 683 5.16 -1.52 -12.42
CA THR A 683 4.85 -2.12 -11.13
C THR A 683 4.62 -3.62 -11.25
N LEU A 684 4.77 -4.31 -10.11
CA LEU A 684 4.60 -5.76 -10.07
C LEU A 684 3.16 -6.16 -10.37
N ILE A 685 2.18 -5.34 -9.95
CA ILE A 685 0.79 -5.60 -10.28
C ILE A 685 0.61 -5.72 -11.79
N VAL A 686 1.31 -4.86 -12.55
CA VAL A 686 1.26 -4.94 -14.00
C VAL A 686 1.89 -6.25 -14.48
N ILE A 687 3.00 -6.66 -13.87
CA ILE A 687 3.68 -7.87 -14.29
C ILE A 687 2.81 -9.10 -14.07
N GLU A 688 1.94 -9.05 -13.06
CA GLU A 688 1.05 -10.19 -12.82
C GLU A 688 -0.20 -10.14 -13.68
N VAL A 689 -0.78 -8.96 -13.85
CA VAL A 689 -2.08 -8.88 -14.52
C VAL A 689 -1.94 -8.88 -16.04
N ILE A 690 -0.87 -8.28 -16.58
CA ILE A 690 -0.76 -8.11 -18.03
C ILE A 690 -0.72 -9.45 -18.78
N PRO A 691 0.18 -10.39 -18.47
CA PRO A 691 0.24 -11.61 -19.29
C PRO A 691 -1.03 -12.44 -19.26
N PHE A 692 -1.73 -12.45 -18.12
CA PHE A 692 -3.00 -13.17 -18.05
C PHE A 692 -4.03 -12.56 -18.99
N LEU A 693 -4.12 -11.22 -19.01
CA LEU A 693 -5.06 -10.53 -19.88
C LEU A 693 -4.72 -10.77 -21.35
N VAL A 694 -3.51 -10.35 -21.75
CA VAL A 694 -3.12 -10.46 -23.15
C VAL A 694 -3.18 -11.91 -23.62
N LEU A 695 -2.93 -12.85 -22.72
CA LEU A 695 -3.03 -14.26 -23.09
C LEU A 695 -4.49 -14.68 -23.29
N ALA A 696 -5.39 -14.19 -22.44
CA ALA A 696 -6.80 -14.53 -22.59
C ALA A 696 -7.38 -13.96 -23.88
N VAL A 697 -7.13 -12.68 -24.14
CA VAL A 697 -7.67 -12.05 -25.35
C VAL A 697 -7.02 -12.65 -26.59
N GLY A 698 -5.70 -12.75 -26.59
CA GLY A 698 -5.01 -13.33 -27.74
C GLY A 698 -5.46 -14.74 -28.04
N VAL A 699 -5.61 -15.57 -27.01
CA VAL A 699 -6.05 -16.94 -27.23
C VAL A 699 -7.50 -16.95 -27.72
N ASP A 700 -8.31 -15.99 -27.28
CA ASP A 700 -9.70 -15.95 -27.74
C ASP A 700 -9.76 -15.66 -29.24
N ASN A 701 -9.07 -14.60 -29.69
CA ASN A 701 -9.07 -14.29 -31.12
C ASN A 701 -8.46 -15.43 -31.93
N ILE A 702 -7.35 -15.99 -31.44
CA ILE A 702 -6.71 -17.12 -32.15
C ILE A 702 -7.69 -18.26 -32.36
N PHE A 703 -8.37 -18.67 -31.28
CA PHE A 703 -9.28 -19.80 -31.40
C PHE A 703 -10.48 -19.47 -32.28
N ILE A 704 -10.96 -18.22 -32.21
CA ILE A 704 -12.05 -17.80 -33.10
C ILE A 704 -11.66 -18.01 -34.55
N LEU A 705 -10.45 -17.56 -34.92
CA LEU A 705 -10.01 -17.67 -36.31
C LEU A 705 -9.78 -19.13 -36.71
N VAL A 706 -9.02 -19.87 -35.89
CA VAL A 706 -8.65 -21.25 -36.25
C VAL A 706 -9.89 -22.12 -36.35
N GLN A 707 -10.70 -22.17 -35.28
CA GLN A 707 -11.92 -22.95 -35.34
C GLN A 707 -12.91 -22.39 -36.35
N ALA A 708 -12.74 -21.13 -36.77
CA ALA A 708 -13.54 -20.61 -37.87
C ALA A 708 -13.15 -21.26 -39.20
N TYR A 709 -11.85 -21.50 -39.40
CA TYR A 709 -11.46 -22.20 -40.63
C TYR A 709 -11.81 -23.68 -40.56
N GLN A 710 -11.60 -24.32 -39.40
CA GLN A 710 -11.78 -25.77 -39.31
C GLN A 710 -13.21 -26.17 -39.66
N ARG A 711 -14.21 -25.47 -39.11
CA ARG A 711 -15.60 -25.75 -39.43
C ARG A 711 -15.94 -25.44 -40.88
N ASP A 712 -15.09 -24.67 -41.56
CA ASP A 712 -15.41 -24.20 -42.90
C ASP A 712 -15.04 -25.26 -43.95
N GLU A 713 -15.92 -25.42 -44.93
CA GLU A 713 -15.68 -26.27 -46.08
C GLU A 713 -15.57 -25.40 -47.33
N ARG A 714 -14.50 -25.60 -48.08
CA ARG A 714 -14.34 -24.86 -49.33
C ARG A 714 -15.33 -25.39 -50.36
N LEU A 715 -15.42 -24.69 -51.49
CA LEU A 715 -16.39 -25.03 -52.54
C LEU A 715 -15.71 -24.92 -53.89
N GLN A 716 -15.48 -26.05 -54.53
CA GLN A 716 -14.98 -26.13 -55.91
C GLN A 716 -13.70 -25.32 -56.02
N GLY A 717 -13.56 -24.41 -57.00
CA GLY A 717 -12.32 -23.68 -57.20
C GLY A 717 -12.00 -22.62 -56.17
N GLU A 718 -11.74 -23.05 -54.93
CA GLU A 718 -11.36 -22.15 -53.85
C GLU A 718 -9.84 -22.10 -53.76
N THR A 719 -9.25 -20.99 -54.18
CA THR A 719 -7.86 -20.73 -53.85
C THR A 719 -7.77 -20.33 -52.37
N LEU A 720 -6.58 -20.50 -51.79
CA LEU A 720 -6.40 -20.19 -50.39
C LEU A 720 -6.72 -18.73 -50.09
N ASP A 721 -6.47 -17.83 -51.06
CA ASP A 721 -6.89 -16.44 -50.92
C ASP A 721 -8.40 -16.35 -50.70
N GLN A 722 -9.18 -17.08 -51.50
CA GLN A 722 -10.63 -16.96 -51.50
C GLN A 722 -11.31 -17.89 -50.50
N GLN A 723 -10.56 -18.66 -49.73
CA GLN A 723 -11.11 -19.31 -48.54
C GLN A 723 -10.72 -18.58 -47.27
N LEU A 724 -9.42 -18.29 -47.08
CA LEU A 724 -8.99 -17.68 -45.83
C LEU A 724 -9.25 -16.18 -45.81
N GLY A 725 -9.29 -15.53 -46.96
CA GLY A 725 -9.80 -14.17 -47.00
C GLY A 725 -11.27 -14.09 -46.69
N ARG A 726 -12.02 -15.13 -47.09
CA ARG A 726 -13.45 -15.19 -46.76
C ARG A 726 -13.64 -15.39 -45.26
N VAL A 727 -12.93 -16.36 -44.68
CA VAL A 727 -13.04 -16.59 -43.24
C VAL A 727 -12.56 -15.36 -42.46
N LEU A 728 -11.50 -14.70 -42.95
CA LEU A 728 -10.99 -13.51 -42.28
C LEU A 728 -11.99 -12.38 -42.34
N GLY A 729 -12.67 -12.21 -43.47
CA GLY A 729 -13.72 -11.21 -43.54
C GLY A 729 -14.96 -11.57 -42.75
N GLU A 730 -15.16 -12.87 -42.49
CA GLU A 730 -16.34 -13.31 -41.74
C GLU A 730 -16.13 -13.22 -40.24
N VAL A 731 -14.90 -13.38 -39.77
CA VAL A 731 -14.62 -13.45 -38.35
C VAL A 731 -13.93 -12.21 -37.81
N ALA A 732 -13.09 -11.55 -38.61
CA ALA A 732 -12.32 -10.41 -38.12
C ALA A 732 -13.15 -9.25 -37.57
N PRO A 733 -14.36 -8.95 -38.06
CA PRO A 733 -15.15 -7.88 -37.40
C PRO A 733 -15.42 -8.15 -35.94
N SER A 734 -15.53 -9.42 -35.53
CA SER A 734 -15.80 -9.72 -34.12
C SER A 734 -14.54 -9.51 -33.27
N MET A 735 -13.42 -10.07 -33.71
CA MET A 735 -12.16 -9.88 -32.98
C MET A 735 -11.79 -8.40 -32.92
N PHE A 736 -12.07 -7.65 -33.98
CA PHE A 736 -11.77 -6.23 -34.00
C PHE A 736 -12.72 -5.46 -33.09
N LEU A 737 -14.00 -5.81 -33.09
CA LEU A 737 -14.95 -5.21 -32.16
C LEU A 737 -14.48 -5.39 -30.72
N SER A 738 -14.25 -6.64 -30.33
CA SER A 738 -13.84 -6.94 -28.96
C SER A 738 -12.53 -6.26 -28.61
N SER A 739 -11.47 -6.58 -29.36
CA SER A 739 -10.14 -6.08 -29.02
C SER A 739 -10.10 -4.55 -29.02
N PHE A 740 -10.81 -3.93 -29.97
CA PHE A 740 -10.81 -2.46 -30.05
C PHE A 740 -11.53 -1.85 -28.85
N SER A 741 -12.71 -2.38 -28.52
CA SER A 741 -13.42 -1.89 -27.34
C SER A 741 -12.58 -2.06 -26.08
N GLU A 742 -11.85 -3.17 -25.99
CA GLU A 742 -10.98 -3.41 -24.84
C GLU A 742 -9.84 -2.39 -24.78
N THR A 743 -9.17 -2.16 -25.91
CA THR A 743 -8.05 -1.22 -25.93
C THR A 743 -8.51 0.19 -25.61
N VAL A 744 -9.70 0.57 -26.11
CA VAL A 744 -10.18 1.92 -25.85
C VAL A 744 -10.76 2.04 -24.46
N ALA A 745 -11.10 0.94 -23.80
CA ALA A 745 -11.57 0.98 -22.41
C ALA A 745 -10.43 0.90 -21.41
N PHE A 746 -9.29 0.32 -21.79
CA PHE A 746 -8.10 0.28 -20.95
C PHE A 746 -7.23 1.51 -21.11
N PHE A 747 -7.05 1.97 -22.36
CA PHE A 747 -6.36 3.23 -22.59
C PHE A 747 -7.10 4.40 -21.93
N LEU A 748 -8.41 4.27 -21.75
CA LEU A 748 -9.20 5.29 -21.07
C LEU A 748 -9.31 5.05 -19.57
N GLY A 749 -8.91 3.87 -19.09
CA GLY A 749 -8.86 3.65 -17.65
C GLY A 749 -7.77 4.46 -16.98
N ALA A 750 -6.73 4.82 -17.71
CA ALA A 750 -5.62 5.62 -17.16
C ALA A 750 -5.95 7.11 -17.12
N LEU A 751 -7.22 7.45 -16.87
CA LEU A 751 -7.59 8.82 -16.58
C LEU A 751 -7.60 9.14 -15.09
N SER A 752 -7.71 8.12 -14.24
CA SER A 752 -7.82 8.34 -12.81
C SER A 752 -6.46 8.73 -12.22
N VAL A 753 -6.46 8.95 -10.91
CA VAL A 753 -5.26 9.41 -10.21
C VAL A 753 -4.54 8.29 -9.48
N MET A 754 -5.22 7.19 -9.20
CA MET A 754 -4.59 6.05 -8.54
C MET A 754 -3.46 5.51 -9.42
N PRO A 755 -2.22 5.47 -8.93
CA PRO A 755 -1.10 5.17 -9.83
C PRO A 755 -1.09 3.72 -10.32
N ALA A 756 -1.50 2.77 -9.47
CA ALA A 756 -1.47 1.37 -9.86
C ALA A 756 -2.33 1.12 -11.09
N VAL A 757 -3.59 1.59 -11.05
CA VAL A 757 -4.50 1.36 -12.17
C VAL A 757 -4.06 2.13 -13.40
N HIS A 758 -3.34 3.24 -13.21
CA HIS A 758 -2.76 4.02 -14.30
C HIS A 758 -1.75 3.17 -15.06
N THR A 759 -0.64 2.87 -14.35
CA THR A 759 0.44 2.08 -14.94
C THR A 759 -0.08 0.78 -15.52
N PHE A 760 -1.07 0.16 -14.86
CA PHE A 760 -1.64 -1.07 -15.42
C PHE A 760 -2.36 -0.79 -16.73
N SER A 761 -3.36 0.09 -16.71
CA SER A 761 -4.28 0.20 -17.82
C SER A 761 -3.60 0.70 -19.09
N LEU A 762 -2.53 1.48 -18.97
CA LEU A 762 -1.78 1.85 -20.18
C LEU A 762 -1.23 0.61 -20.88
N PHE A 763 -0.40 -0.16 -20.17
CA PHE A 763 0.13 -1.40 -20.71
C PHE A 763 -0.97 -2.30 -21.25
N ALA A 764 -2.09 -2.38 -20.52
CA ALA A 764 -3.21 -3.20 -20.96
C ALA A 764 -3.70 -2.77 -22.34
N GLY A 765 -4.04 -1.49 -22.48
CA GLY A 765 -4.50 -0.98 -23.76
C GLY A 765 -3.56 -1.26 -24.91
N LEU A 766 -2.31 -0.80 -24.80
CA LEU A 766 -1.40 -0.94 -25.93
C LEU A 766 -1.07 -2.40 -26.22
N ALA A 767 -1.02 -3.24 -25.18
CA ALA A 767 -0.71 -4.65 -25.38
C ALA A 767 -1.86 -5.38 -26.08
N VAL A 768 -3.10 -5.02 -25.76
CA VAL A 768 -4.22 -5.65 -26.45
C VAL A 768 -4.30 -5.16 -27.90
N PHE A 769 -3.95 -3.90 -28.15
CA PHE A 769 -4.00 -3.41 -29.53
C PHE A 769 -2.91 -4.05 -30.38
N ILE A 770 -1.66 -4.02 -29.92
CA ILE A 770 -0.58 -4.70 -30.62
C ILE A 770 -0.89 -6.19 -30.76
N ASP A 771 -1.54 -6.78 -29.76
CA ASP A 771 -2.00 -8.16 -29.86
C ASP A 771 -2.90 -8.34 -31.08
N PHE A 772 -3.95 -7.52 -31.19
CA PHE A 772 -4.87 -7.63 -32.32
C PHE A 772 -4.16 -7.40 -33.65
N LEU A 773 -3.16 -6.50 -33.68
CA LEU A 773 -2.47 -6.22 -34.93
C LEU A 773 -1.60 -7.39 -35.36
N LEU A 774 -0.78 -7.91 -34.45
CA LEU A 774 0.01 -9.11 -34.75
C LEU A 774 -0.87 -10.33 -34.95
N GLN A 775 -2.17 -10.23 -34.65
CA GLN A 775 -3.10 -11.32 -34.87
C GLN A 775 -3.78 -11.23 -36.23
N ILE A 776 -4.05 -10.02 -36.70
CA ILE A 776 -4.71 -9.85 -37.99
C ILE A 776 -3.70 -9.79 -39.15
N THR A 777 -2.51 -9.27 -38.90
CA THR A 777 -1.49 -9.20 -39.95
C THR A 777 -0.65 -10.48 -40.01
N CYS A 778 0.08 -10.78 -38.94
CA CYS A 778 1.06 -11.86 -38.97
C CYS A 778 0.41 -13.23 -38.86
N PHE A 779 -0.48 -13.41 -37.88
CA PHE A 779 -0.99 -14.74 -37.56
C PHE A 779 -1.86 -15.31 -38.68
N VAL A 780 -2.44 -14.47 -39.54
CA VAL A 780 -3.21 -14.98 -40.68
C VAL A 780 -2.29 -15.67 -41.68
N SER A 781 -1.26 -14.95 -42.13
CA SER A 781 -0.21 -15.55 -42.95
C SER A 781 0.53 -16.66 -42.21
N LEU A 782 0.36 -16.78 -40.90
CA LEU A 782 0.85 -17.95 -40.20
C LEU A 782 -0.14 -19.11 -40.25
N LEU A 783 -1.43 -18.81 -40.44
CA LEU A 783 -2.44 -19.86 -40.47
C LEU A 783 -2.51 -20.53 -41.85
N GLY A 784 -2.48 -19.71 -42.91
CA GLY A 784 -2.51 -20.29 -44.25
C GLY A 784 -1.38 -21.28 -44.49
N LEU A 785 -0.25 -21.10 -43.80
CA LEU A 785 0.91 -21.96 -44.02
C LEU A 785 0.74 -23.31 -43.35
N ASP A 786 0.16 -23.35 -42.15
CA ASP A 786 -0.16 -24.63 -41.54
C ASP A 786 -1.28 -25.32 -42.32
N ILE A 787 -2.17 -24.54 -42.95
CA ILE A 787 -3.17 -25.14 -43.83
C ILE A 787 -2.49 -25.83 -45.01
N LYS A 788 -1.52 -25.14 -45.63
CA LYS A 788 -0.75 -25.77 -46.70
C LYS A 788 -0.03 -27.02 -46.23
N ARG A 789 0.60 -26.95 -45.06
CA ARG A 789 1.32 -28.10 -44.52
C ARG A 789 0.40 -29.29 -44.34
N GLN A 790 -0.78 -29.07 -43.74
CA GLN A 790 -1.71 -30.16 -43.55
C GLN A 790 -2.26 -30.65 -44.88
N GLU A 791 -2.26 -29.80 -45.90
CA GLU A 791 -2.73 -30.22 -47.20
C GLU A 791 -1.69 -31.02 -47.97
N LYS A 792 -0.40 -30.90 -47.63
CA LYS A 792 0.65 -31.66 -48.29
C LYS A 792 1.06 -32.91 -47.54
N ASN A 793 0.55 -33.11 -46.32
CA ASN A 793 0.62 -34.42 -45.63
C ASN A 793 2.03 -34.73 -45.13
N ARG A 794 2.60 -33.80 -44.36
CA ARG A 794 3.88 -34.01 -43.71
C ARG A 794 3.71 -33.78 -42.22
N LEU A 795 4.14 -34.77 -41.42
CA LEU A 795 3.93 -34.82 -39.98
C LEU A 795 3.91 -33.45 -39.33
N ASP A 796 2.76 -33.08 -38.75
CA ASP A 796 2.55 -31.73 -38.27
C ASP A 796 3.20 -31.44 -36.91
N ILE A 797 4.00 -32.37 -36.39
CA ILE A 797 4.84 -32.12 -35.23
C ILE A 797 6.32 -32.07 -35.60
N PHE A 798 6.76 -33.02 -36.42
CA PHE A 798 8.15 -33.05 -36.86
C PHE A 798 8.38 -32.21 -38.11
N CYS A 799 7.32 -31.87 -38.85
CA CYS A 799 7.42 -30.99 -40.01
C CYS A 799 8.36 -31.54 -41.08
N GLU A 814 -14.92 -33.70 -39.52
CA GLU A 814 -15.92 -32.73 -39.92
C GLU A 814 -16.05 -31.60 -38.89
N SER A 815 -16.76 -31.87 -37.80
CA SER A 815 -16.90 -30.91 -36.72
C SER A 815 -16.40 -31.48 -35.39
N CYS A 816 -15.41 -32.36 -35.46
CA CYS A 816 -14.67 -32.86 -34.29
C CYS A 816 -15.65 -33.45 -33.28
N LEU A 817 -15.51 -33.14 -31.99
CA LEU A 817 -16.32 -33.74 -30.94
C LEU A 817 -17.19 -32.75 -30.19
N PHE A 818 -16.87 -31.45 -30.24
CA PHE A 818 -17.54 -30.46 -29.39
C PHE A 818 -18.62 -29.66 -30.10
N ARG A 819 -18.46 -29.42 -31.41
CA ARG A 819 -19.53 -28.74 -32.15
C ARG A 819 -20.84 -29.52 -32.07
N PHE A 820 -20.75 -30.85 -32.20
CA PHE A 820 -21.84 -31.76 -31.90
C PHE A 820 -22.55 -31.36 -30.60
N PHE A 821 -21.78 -31.28 -29.52
CA PHE A 821 -22.35 -31.16 -28.19
C PHE A 821 -22.87 -29.75 -27.90
N LYS A 822 -22.29 -28.73 -28.55
CA LYS A 822 -22.88 -27.40 -28.48
C LYS A 822 -24.22 -27.36 -29.20
N ASN A 823 -24.26 -27.94 -30.41
CA ASN A 823 -25.51 -28.07 -31.14
C ASN A 823 -26.56 -28.84 -30.34
N SER A 824 -26.12 -29.79 -29.51
CA SER A 824 -27.05 -30.49 -28.64
C SER A 824 -27.40 -29.68 -27.38
N TYR A 825 -26.53 -28.74 -26.99
CA TYR A 825 -26.75 -27.99 -25.76
C TYR A 825 -27.74 -26.85 -25.96
N SER A 826 -27.59 -26.10 -27.05
CA SER A 826 -28.40 -24.90 -27.25
C SER A 826 -29.92 -25.12 -27.16
N PRO A 827 -30.52 -26.07 -27.89
CA PRO A 827 -31.99 -26.13 -27.90
C PRO A 827 -32.60 -26.56 -26.58
N LEU A 828 -31.93 -27.40 -25.81
CA LEU A 828 -32.49 -27.88 -24.56
C LEU A 828 -32.63 -26.74 -23.55
N LEU A 829 -31.57 -25.95 -23.37
CA LEU A 829 -31.59 -24.85 -22.42
C LEU A 829 -32.04 -23.53 -23.04
N LEU A 830 -32.47 -23.53 -24.31
CA LEU A 830 -33.05 -22.33 -24.90
C LEU A 830 -34.55 -22.45 -25.14
N LYS A 831 -35.13 -23.63 -24.98
CA LYS A 831 -36.58 -23.79 -25.12
C LYS A 831 -37.30 -22.97 -24.05
N ASP A 832 -38.59 -22.72 -24.29
CA ASP A 832 -39.39 -21.99 -23.31
C ASP A 832 -39.54 -22.72 -21.98
N TRP A 833 -39.07 -23.97 -21.89
CA TRP A 833 -38.85 -24.58 -20.58
C TRP A 833 -37.92 -23.74 -19.72
N MET A 834 -36.66 -23.59 -20.16
CA MET A 834 -35.63 -22.94 -19.35
C MET A 834 -35.70 -21.42 -19.40
N ARG A 835 -36.09 -20.88 -20.55
CA ARG A 835 -35.93 -19.47 -20.91
C ARG A 835 -36.26 -18.49 -19.77
N PRO A 836 -37.33 -18.68 -18.99
CA PRO A 836 -37.54 -17.79 -17.84
C PRO A 836 -36.66 -18.11 -16.63
N ILE A 837 -36.35 -19.39 -16.44
CA ILE A 837 -35.58 -19.82 -15.26
C ILE A 837 -34.23 -19.14 -15.23
N VAL A 838 -33.62 -18.91 -16.40
CA VAL A 838 -32.30 -18.30 -16.44
C VAL A 838 -32.35 -16.86 -15.92
N ILE A 839 -33.31 -16.07 -16.42
CA ILE A 839 -33.50 -14.72 -15.90
C ILE A 839 -33.80 -14.76 -14.42
N ALA A 840 -34.55 -15.77 -13.97
CA ALA A 840 -34.85 -15.90 -12.55
C ALA A 840 -33.58 -16.05 -11.72
N ILE A 841 -32.74 -17.02 -12.07
CA ILE A 841 -31.56 -17.31 -11.26
C ILE A 841 -30.55 -16.15 -11.33
N PHE A 842 -30.34 -15.59 -12.53
CA PHE A 842 -29.31 -14.57 -12.65
C PHE A 842 -29.76 -13.23 -12.06
N VAL A 843 -31.04 -12.88 -12.22
CA VAL A 843 -31.55 -11.68 -11.56
C VAL A 843 -31.54 -11.87 -10.04
N GLY A 844 -31.83 -13.09 -9.57
CA GLY A 844 -31.80 -13.34 -8.14
C GLY A 844 -30.40 -13.21 -7.55
N VAL A 845 -29.43 -13.88 -8.16
CA VAL A 845 -28.04 -13.77 -7.68
C VAL A 845 -27.55 -12.34 -7.79
N LEU A 846 -27.92 -11.65 -8.88
CA LEU A 846 -27.58 -10.24 -9.01
C LEU A 846 -28.09 -9.44 -7.82
N SER A 847 -29.38 -9.60 -7.48
CA SER A 847 -29.94 -8.89 -6.34
C SER A 847 -29.22 -9.25 -5.04
N PHE A 848 -28.84 -10.53 -4.90
CA PHE A 848 -28.06 -10.94 -3.73
C PHE A 848 -26.76 -10.13 -3.63
N SER A 849 -26.00 -10.05 -4.72
CA SER A 849 -24.76 -9.30 -4.69
C SER A 849 -25.00 -7.81 -4.47
N ILE A 850 -26.17 -7.31 -4.90
CA ILE A 850 -26.52 -5.92 -4.58
C ILE A 850 -26.79 -5.78 -3.09
N ALA A 851 -27.24 -6.84 -2.42
CA ALA A 851 -27.51 -6.75 -0.99
C ALA A 851 -26.22 -6.65 -0.19
N VAL A 852 -25.18 -7.39 -0.58
CA VAL A 852 -23.91 -7.40 0.15
C VAL A 852 -22.95 -6.39 -0.47
N LEU A 853 -23.49 -5.41 -1.19
CA LEU A 853 -22.64 -4.41 -1.83
C LEU A 853 -22.06 -3.44 -0.82
N ASN A 854 -22.92 -2.82 -0.02
CA ASN A 854 -22.47 -1.84 0.97
C ASN A 854 -21.75 -2.49 2.14
N LYS A 855 -21.85 -3.81 2.31
CA LYS A 855 -21.25 -4.52 3.43
C LYS A 855 -19.94 -5.21 3.05
N VAL A 856 -19.18 -4.62 2.13
CA VAL A 856 -17.91 -5.18 1.68
C VAL A 856 -16.77 -4.48 2.41
N ASP A 857 -15.61 -5.13 2.43
CA ASP A 857 -14.48 -4.69 3.24
C ASP A 857 -13.56 -3.75 2.47
N ILE A 858 -12.62 -3.15 3.20
CA ILE A 858 -11.64 -2.22 2.66
C ILE A 858 -10.35 -2.34 3.46
N GLY A 859 -9.22 -2.46 2.77
CA GLY A 859 -7.92 -2.37 3.39
C GLY A 859 -7.15 -3.68 3.32
N LEU A 860 -5.89 -3.60 3.75
CA LEU A 860 -5.00 -4.75 3.83
C LEU A 860 -4.71 -5.07 5.29
N ASP A 861 -5.11 -6.26 5.74
CA ASP A 861 -4.78 -6.70 7.08
C ASP A 861 -3.28 -6.93 7.17
N GLN A 862 -2.64 -6.27 8.15
CA GLN A 862 -1.18 -6.30 8.24
C GLN A 862 -0.64 -7.73 8.33
N SER A 863 -1.29 -8.58 9.12
CA SER A 863 -0.77 -9.92 9.36
C SER A 863 -0.95 -10.85 8.16
N LEU A 864 -1.97 -10.64 7.34
CA LEU A 864 -2.19 -11.45 6.15
C LEU A 864 -1.35 -11.04 4.96
N SER A 865 -0.95 -9.77 4.87
CA SER A 865 -0.05 -9.30 3.82
C SER A 865 1.39 -9.80 4.00
N MET A 866 1.64 -10.63 5.00
CA MET A 866 2.93 -11.19 5.33
C MET A 866 2.91 -12.70 5.14
N PRO A 867 4.02 -13.31 4.69
CA PRO A 867 4.04 -14.78 4.59
C PRO A 867 3.87 -15.40 5.96
N ASP A 868 2.69 -15.92 6.24
CA ASP A 868 2.38 -16.45 7.56
C ASP A 868 3.45 -17.44 8.00
N ASP A 869 3.92 -17.26 9.24
CA ASP A 869 5.15 -17.85 9.76
C ASP A 869 6.38 -17.14 9.19
N SER A 870 6.39 -15.81 9.32
CA SER A 870 7.57 -14.99 9.22
C SER A 870 7.86 -14.40 10.60
N TYR A 871 8.91 -13.59 10.70
CA TYR A 871 9.18 -12.95 11.98
C TYR A 871 8.35 -11.68 12.20
N MET A 872 7.41 -11.39 11.32
CA MET A 872 6.60 -10.18 11.39
C MET A 872 5.20 -10.42 11.94
N VAL A 873 4.62 -11.59 11.68
CA VAL A 873 3.27 -11.89 12.20
C VAL A 873 3.27 -11.82 13.72
N ASP A 874 4.28 -12.43 14.36
CA ASP A 874 4.40 -12.35 15.80
C ASP A 874 4.46 -10.91 16.29
N TYR A 875 5.17 -10.05 15.55
CA TYR A 875 5.25 -8.65 15.94
C TYR A 875 3.87 -8.01 15.98
N PHE A 876 3.09 -8.17 14.91
CA PHE A 876 1.76 -7.57 14.87
C PHE A 876 0.86 -8.13 15.97
N LYS A 877 0.88 -9.45 16.16
CA LYS A 877 0.06 -10.05 17.20
C LYS A 877 0.44 -9.51 18.59
N SER A 878 1.73 -9.29 18.83
CA SER A 878 2.20 -8.86 20.13
C SER A 878 2.19 -7.34 20.31
N ILE A 879 1.95 -6.56 19.25
CA ILE A 879 1.66 -5.14 19.44
C ILE A 879 0.16 -4.93 19.59
N SER A 880 -0.67 -5.81 19.02
CA SER A 880 -2.08 -5.84 19.37
C SER A 880 -2.29 -6.40 20.77
N GLN A 881 -1.33 -7.18 21.28
CA GLN A 881 -1.48 -7.84 22.57
C GLN A 881 -0.96 -7.02 23.75
N TYR A 882 -0.05 -6.06 23.51
CA TYR A 882 0.59 -5.36 24.62
C TYR A 882 0.56 -3.84 24.50
N LEU A 883 1.12 -3.31 23.41
CA LEU A 883 1.49 -1.91 23.33
C LEU A 883 0.28 -0.99 23.56
N HIS A 884 0.57 0.24 24.00
CA HIS A 884 -0.45 1.20 24.41
C HIS A 884 -0.36 2.53 23.67
N ALA A 885 0.44 2.63 22.61
CA ALA A 885 0.58 3.89 21.89
C ALA A 885 1.02 3.61 20.46
N GLY A 886 0.44 4.36 19.52
CA GLY A 886 0.71 4.17 18.11
C GLY A 886 1.75 5.13 17.58
N PRO A 887 1.83 5.23 16.25
CA PRO A 887 2.88 6.05 15.65
C PRO A 887 2.68 7.51 16.00
N PRO A 888 3.76 8.25 16.19
CA PRO A 888 3.63 9.67 16.54
C PRO A 888 2.98 10.49 15.43
N VAL A 889 2.20 11.49 15.84
CA VAL A 889 1.60 12.48 14.94
C VAL A 889 2.21 13.83 15.27
N TYR A 890 2.63 14.54 14.22
CA TYR A 890 3.22 15.87 14.33
C TYR A 890 2.20 16.87 13.80
N PHE A 891 1.79 17.81 14.67
CA PHE A 891 0.84 18.85 14.30
C PHE A 891 1.62 20.07 13.83
N VAL A 892 1.63 20.28 12.51
CA VAL A 892 2.44 21.31 11.90
C VAL A 892 1.59 22.57 11.76
N LEU A 893 1.95 23.61 12.51
CA LEU A 893 1.55 24.98 12.19
C LEU A 893 2.55 25.52 11.17
N GLU A 894 2.07 25.77 9.96
CA GLU A 894 2.92 26.18 8.86
C GLU A 894 3.53 27.55 9.15
N GLU A 895 4.57 27.87 8.37
CA GLU A 895 5.29 29.13 8.54
C GLU A 895 4.36 30.31 8.30
N GLY A 896 4.57 31.37 9.06
CA GLY A 896 3.83 32.62 8.90
C GLY A 896 3.12 33.11 10.13
N HIS A 897 2.97 32.29 11.17
CA HIS A 897 2.25 32.74 12.35
C HIS A 897 3.10 33.73 13.15
N ASP A 898 2.43 34.48 14.03
CA ASP A 898 3.07 35.58 14.74
C ASP A 898 4.00 35.08 15.85
N TYR A 899 3.46 34.33 16.81
CA TYR A 899 4.23 33.75 17.91
C TYR A 899 4.85 34.79 18.85
N THR A 900 4.68 36.07 18.53
CA THR A 900 5.39 37.12 19.26
C THR A 900 4.45 38.17 19.85
N SER A 901 3.18 37.83 20.05
CA SER A 901 2.23 38.73 20.70
C SER A 901 1.36 37.91 21.65
N SER A 902 0.76 38.60 22.61
CA SER A 902 -0.13 37.91 23.56
C SER A 902 -1.32 37.29 22.83
N LYS A 903 -1.81 37.97 21.79
CA LYS A 903 -2.84 37.37 20.93
C LYS A 903 -2.29 36.18 20.18
N GLY A 904 -1.16 36.35 19.49
CA GLY A 904 -0.59 35.27 18.72
C GLY A 904 -0.19 34.08 19.58
N GLN A 905 0.32 34.34 20.78
CA GLN A 905 0.64 33.24 21.69
C GLN A 905 -0.63 32.58 22.21
N ASN A 906 -1.65 33.37 22.56
CA ASN A 906 -2.90 32.81 23.03
C ASN A 906 -3.60 31.99 21.97
N MET A 907 -3.29 32.21 20.69
CA MET A 907 -3.84 31.36 19.64
C MET A 907 -3.22 29.97 19.63
N VAL A 908 -2.01 29.81 20.18
CA VAL A 908 -1.21 28.61 19.99
C VAL A 908 -0.96 27.88 21.31
N CYS A 909 -0.50 28.62 22.32
CA CYS A 909 -0.09 28.01 23.58
C CYS A 909 -1.26 27.34 24.29
N GLY A 910 -0.94 26.66 25.38
CA GLY A 910 -1.92 25.90 26.13
C GLY A 910 -1.80 26.17 27.62
N GLY A 911 -2.81 25.73 28.34
CA GLY A 911 -2.78 25.81 29.79
C GLY A 911 -3.05 27.21 30.29
N MET A 912 -2.15 27.70 31.15
CA MET A 912 -2.39 28.91 31.90
C MET A 912 -2.18 30.15 31.05
N GLY A 913 -3.17 31.06 31.09
CA GLY A 913 -3.09 32.33 30.40
C GLY A 913 -3.62 32.34 28.98
N CYS A 914 -3.68 31.18 28.32
CA CYS A 914 -4.02 31.11 26.91
C CYS A 914 -5.49 30.76 26.71
N ASN A 915 -5.91 30.70 25.46
CA ASN A 915 -7.32 30.65 25.08
C ASN A 915 -7.91 29.26 25.31
N ASN A 916 -9.23 29.16 25.13
CA ASN A 916 -9.93 27.90 25.34
C ASN A 916 -9.74 26.94 24.17
N ASP A 917 -9.58 27.46 22.95
CA ASP A 917 -9.59 26.65 21.75
C ASP A 917 -8.27 26.73 20.98
N SER A 918 -7.18 27.01 21.70
CA SER A 918 -5.89 27.10 21.05
C SER A 918 -5.42 25.72 20.58
N LEU A 919 -4.35 25.73 19.78
CA LEU A 919 -3.86 24.51 19.13
C LEU A 919 -3.56 23.43 20.17
N VAL A 920 -2.62 23.71 21.08
CA VAL A 920 -2.26 22.75 22.12
C VAL A 920 -3.48 22.34 22.93
N GLN A 921 -4.33 23.32 23.28
CA GLN A 921 -5.52 23.01 24.09
C GLN A 921 -6.46 22.07 23.35
N GLN A 922 -6.64 22.27 22.05
CA GLN A 922 -7.53 21.41 21.29
C GLN A 922 -6.96 20.00 21.16
N ILE A 923 -5.64 19.89 20.97
CA ILE A 923 -5.01 18.57 20.92
C ILE A 923 -5.17 17.86 22.25
N PHE A 924 -5.07 18.59 23.35
CA PHE A 924 -5.20 17.99 24.68
C PHE A 924 -6.64 17.53 24.93
N ASN A 925 -7.61 18.41 24.67
CA ASN A 925 -9.01 18.03 24.82
C ASN A 925 -9.35 16.82 23.96
N ALA A 926 -8.77 16.75 22.76
CA ALA A 926 -8.97 15.56 21.93
C ALA A 926 -8.25 14.35 22.51
N ALA A 927 -7.17 14.58 23.25
CA ALA A 927 -6.48 13.48 23.93
C ALA A 927 -7.28 12.94 25.09
N GLN A 928 -8.23 13.72 25.62
CA GLN A 928 -9.12 13.21 26.66
C GLN A 928 -9.93 12.03 26.15
N LEU A 929 -10.65 12.20 25.04
CA LEU A 929 -11.47 11.12 24.46
C LEU A 929 -10.65 10.38 23.40
N ASP A 930 -9.61 9.71 23.87
CA ASP A 930 -8.65 9.10 22.95
C ASP A 930 -9.25 7.93 22.18
N ASN A 931 -10.24 7.24 22.76
CA ASN A 931 -10.82 6.08 22.07
C ASN A 931 -11.74 6.49 20.92
N TYR A 932 -12.04 7.78 20.77
CA TYR A 932 -12.75 8.28 19.60
C TYR A 932 -11.81 9.08 18.73
N THR A 933 -11.49 10.32 19.15
CA THR A 933 -10.46 11.09 18.47
C THR A 933 -9.15 10.37 18.63
N ARG A 934 -8.77 9.57 17.63
CA ARG A 934 -7.53 8.81 17.70
C ARG A 934 -6.35 9.75 17.89
N ILE A 935 -6.10 10.13 19.15
CA ILE A 935 -4.92 10.87 19.60
C ILE A 935 -4.78 10.54 21.09
N GLY A 936 -3.63 9.99 21.47
CA GLY A 936 -3.51 9.34 22.75
C GLY A 936 -3.17 10.19 23.96
N PHE A 937 -2.31 11.19 23.79
CA PHE A 937 -1.72 11.86 24.94
C PHE A 937 -1.62 13.37 24.69
N ALA A 938 -1.20 14.08 25.73
CA ALA A 938 -1.00 15.50 25.65
C ALA A 938 0.11 15.82 24.66
N PRO A 939 0.12 17.03 24.10
CA PRO A 939 1.15 17.36 23.09
C PRO A 939 2.42 17.93 23.71
N SER A 940 3.57 17.36 23.34
CA SER A 940 4.86 17.93 23.73
C SER A 940 4.99 19.32 23.14
N SER A 941 4.76 20.36 23.95
CA SER A 941 4.70 21.73 23.48
C SER A 941 6.06 22.40 23.67
N TRP A 942 6.48 23.16 22.65
CA TRP A 942 7.73 23.90 22.72
C TRP A 942 7.54 25.28 23.33
N ILE A 943 6.46 25.96 22.98
CA ILE A 943 6.24 27.31 23.49
C ILE A 943 5.79 27.28 24.95
N ASP A 944 5.03 26.27 25.34
CA ASP A 944 4.60 26.15 26.74
C ASP A 944 5.79 25.91 27.66
N ASP A 945 6.75 25.09 27.23
CA ASP A 945 7.97 24.91 28.01
C ASP A 945 8.89 26.12 27.91
N TYR A 946 8.85 26.84 26.78
CA TYR A 946 9.63 28.06 26.65
C TYR A 946 9.13 29.12 27.64
N PHE A 947 7.83 29.18 27.87
CA PHE A 947 7.29 30.16 28.81
C PHE A 947 7.62 29.79 30.25
N ASP A 948 7.72 28.50 30.56
CA ASP A 948 8.13 28.05 31.88
C ASP A 948 9.64 28.02 32.04
N TRP A 949 10.37 28.54 31.06
CA TRP A 949 11.82 28.61 31.09
C TRP A 949 12.32 30.02 31.36
N VAL A 950 11.78 31.02 30.67
CA VAL A 950 12.24 32.41 30.75
C VAL A 950 11.62 33.02 31.98
N LYS A 951 10.88 32.21 32.76
CA LYS A 951 10.27 32.65 34.01
C LYS A 951 11.33 33.36 34.85
N PRO A 952 11.09 34.61 35.24
CA PRO A 952 12.04 35.27 36.15
C PRO A 952 12.19 34.53 37.47
N GLN A 953 11.21 33.73 37.86
CA GLN A 953 11.27 32.99 39.11
C GLN A 953 12.22 31.80 39.01
N SER A 954 12.08 30.98 37.98
CA SER A 954 12.93 29.80 37.79
C SER A 954 14.22 30.23 37.10
N SER A 955 15.34 30.12 37.82
CA SER A 955 16.64 30.54 37.30
C SER A 955 17.11 29.54 36.25
N CYS A 956 16.60 29.71 35.03
CA CYS A 956 17.05 28.97 33.86
C CYS A 956 17.68 29.86 32.81
N CYS A 957 17.25 31.11 32.69
CA CYS A 957 17.73 32.06 31.70
C CYS A 957 18.39 33.22 32.43
N ARG A 958 19.66 33.49 32.11
CA ARG A 958 20.34 34.68 32.59
C ARG A 958 21.29 35.18 31.51
N VAL A 959 21.29 36.50 31.33
CA VAL A 959 22.08 37.14 30.28
C VAL A 959 23.14 38.01 30.93
N ASP A 960 24.24 38.20 30.21
CA ASP A 960 25.40 38.91 30.75
C ASP A 960 25.07 40.38 31.00
N ASN A 961 25.98 41.06 31.70
CA ASN A 961 25.73 42.45 32.09
C ASN A 961 25.62 43.36 30.87
N ILE A 962 26.46 43.14 29.86
CA ILE A 962 26.43 43.97 28.66
C ILE A 962 26.57 43.13 27.39
N THR A 963 27.35 42.04 27.47
CA THR A 963 27.62 41.24 26.27
C THR A 963 26.37 40.58 25.73
N ASP A 964 25.36 40.38 26.57
CA ASP A 964 24.09 39.75 26.17
C ASP A 964 24.32 38.37 25.57
N GLN A 965 25.00 37.52 26.35
CA GLN A 965 25.20 36.12 26.02
C GLN A 965 24.46 35.26 27.02
N PHE A 966 23.89 34.16 26.54
CA PHE A 966 23.25 33.20 27.43
C PHE A 966 24.26 32.66 28.43
N CYS A 967 23.83 32.49 29.67
CA CYS A 967 24.69 31.99 30.73
C CYS A 967 24.27 30.56 31.06
N ASN A 968 25.15 29.61 30.73
CA ASN A 968 25.05 28.20 31.11
C ASN A 968 24.46 28.11 32.51
N ALA A 969 23.35 27.39 32.65
CA ALA A 969 22.59 27.37 33.91
C ALA A 969 23.40 26.90 35.11
N SER A 970 24.57 26.29 34.89
CA SER A 970 25.47 25.88 35.96
C SER A 970 26.59 26.88 36.21
N VAL A 971 26.56 28.04 35.54
CA VAL A 971 27.64 29.02 35.64
C VAL A 971 27.65 29.63 37.03
N VAL A 972 28.61 30.51 37.29
CA VAL A 972 28.91 30.95 38.65
C VAL A 972 29.37 32.40 38.66
N ASP A 973 29.14 33.13 37.56
CA ASP A 973 29.70 34.46 37.41
C ASP A 973 28.71 35.53 37.81
N PRO A 974 29.00 36.37 38.81
CA PRO A 974 28.13 37.51 39.12
C PRO A 974 28.21 38.61 38.07
N ALA A 975 27.74 38.29 36.86
CA ALA A 975 27.41 39.30 35.85
C ALA A 975 26.16 38.94 35.07
N CYS A 976 25.72 37.70 35.11
CA CYS A 976 24.44 37.30 34.55
C CYS A 976 23.33 37.69 35.51
N VAL A 977 22.41 38.52 35.02
CA VAL A 977 21.26 38.92 35.83
C VAL A 977 20.02 38.28 35.21
N ARG A 978 18.84 38.73 35.64
CA ARG A 978 17.60 38.13 35.16
C ARG A 978 17.44 38.37 33.66
N CYS A 979 17.06 37.31 32.93
CA CYS A 979 16.62 37.51 31.55
C CYS A 979 15.39 38.41 31.50
N ARG A 980 14.48 38.23 32.45
CA ARG A 980 13.32 39.08 32.59
C ARG A 980 13.27 39.59 34.02
N PRO A 981 13.07 40.89 34.24
CA PRO A 981 12.93 41.40 35.60
C PRO A 981 11.71 40.81 36.27
N LEU A 982 11.72 40.81 37.61
CA LEU A 982 10.57 40.38 38.39
C LEU A 982 9.60 41.51 38.66
N THR A 983 9.77 42.65 38.01
CA THR A 983 8.71 43.66 37.97
C THR A 983 7.45 43.02 37.39
N PRO A 984 6.26 43.39 37.88
CA PRO A 984 5.04 42.68 37.45
C PRO A 984 4.86 42.65 35.94
N GLU A 985 5.37 43.65 35.23
CA GLU A 985 5.38 43.61 33.78
C GLU A 985 6.43 42.63 33.27
N GLY A 986 7.51 42.43 34.02
CA GLY A 986 8.56 41.51 33.63
C GLY A 986 8.18 40.06 33.88
N LYS A 987 7.75 39.75 35.10
CA LYS A 987 7.28 38.40 35.40
C LYS A 987 6.01 38.11 34.61
N GLN A 988 6.15 38.07 33.29
CA GLN A 988 5.07 37.74 32.37
C GLN A 988 5.68 37.15 31.11
N ARG A 989 4.85 36.42 30.38
CA ARG A 989 5.28 35.83 29.12
C ARG A 989 5.92 36.89 28.23
N PRO A 990 7.05 36.59 27.58
CA PRO A 990 7.70 37.59 26.73
C PRO A 990 6.95 37.87 25.45
N GLN A 991 6.23 38.98 25.41
CA GLN A 991 5.63 39.47 24.18
C GLN A 991 6.64 40.30 23.40
N GLY A 992 6.52 40.27 22.07
CA GLY A 992 7.35 41.12 21.24
C GLY A 992 8.78 40.62 21.10
N GLY A 993 9.69 41.57 20.88
CA GLY A 993 11.05 41.22 20.52
C GLY A 993 11.74 40.32 21.53
N ASP A 994 11.48 40.54 22.82
CA ASP A 994 12.10 39.73 23.86
C ASP A 994 11.91 38.24 23.60
N PHE A 995 10.76 37.87 23.03
CA PHE A 995 10.50 36.51 22.59
C PHE A 995 11.67 36.02 21.75
N MET A 996 11.83 36.62 20.56
CA MET A 996 12.96 36.24 19.70
C MET A 996 14.30 36.54 20.34
N ARG A 997 14.33 37.38 21.38
CA ARG A 997 15.59 37.67 22.05
C ARG A 997 16.06 36.48 22.87
N PHE A 998 15.15 35.64 23.34
CA PHE A 998 15.50 34.55 24.25
C PHE A 998 15.15 33.17 23.73
N LEU A 999 14.41 33.06 22.63
CA LEU A 999 14.06 31.75 22.09
C LEU A 999 15.29 30.97 21.63
N PRO A 1000 16.23 31.53 20.87
CA PRO A 1000 17.41 30.75 20.48
C PRO A 1000 18.27 30.35 21.67
N MET A 1001 18.32 31.15 22.73
CA MET A 1001 19.02 30.74 23.93
C MET A 1001 18.38 29.51 24.56
N PHE A 1002 17.06 29.40 24.45
CA PHE A 1002 16.36 28.22 24.94
C PHE A 1002 16.68 27.01 24.07
N LEU A 1003 16.69 27.19 22.75
CA LEU A 1003 16.91 26.09 21.82
C LEU A 1003 18.38 25.73 21.76
N SER A 1004 19.15 26.08 22.78
CA SER A 1004 20.56 25.73 22.81
C SER A 1004 20.93 25.12 24.15
N ASP A 1005 20.27 25.59 25.22
CA ASP A 1005 20.58 25.10 26.55
C ASP A 1005 20.33 23.60 26.64
N ASN A 1006 21.37 22.86 26.96
CA ASN A 1006 21.27 21.42 27.16
C ASN A 1006 20.94 21.13 28.62
N PRO A 1007 20.40 19.94 28.92
CA PRO A 1007 19.88 19.69 30.27
C PRO A 1007 20.88 20.03 31.37
N ASN A 1008 20.39 20.70 32.40
CA ASN A 1008 21.19 21.14 33.53
C ASN A 1008 20.41 20.83 34.79
N PRO A 1009 21.04 20.18 35.79
CA PRO A 1009 20.30 19.81 37.01
C PRO A 1009 19.73 21.01 37.75
N LYS A 1010 20.28 22.20 37.56
CA LYS A 1010 19.74 23.41 38.16
C LYS A 1010 18.66 24.06 37.30
N CYS A 1011 18.30 23.43 36.18
CA CYS A 1011 17.23 23.92 35.32
C CYS A 1011 16.39 22.74 34.84
N GLY A 1012 15.78 22.88 33.68
CA GLY A 1012 14.94 21.82 33.14
C GLY A 1012 15.68 20.91 32.18
N LYS A 1013 15.01 20.50 31.10
CA LYS A 1013 15.60 19.62 30.11
C LYS A 1013 16.25 20.38 28.96
N GLY A 1014 15.94 21.66 28.79
CA GLY A 1014 16.54 22.45 27.75
C GLY A 1014 15.84 22.27 26.41
N GLY A 1015 15.99 23.29 25.55
CA GLY A 1015 15.32 23.31 24.27
C GLY A 1015 16.02 22.52 23.19
N HIS A 1016 17.36 22.56 23.19
CA HIS A 1016 18.15 21.72 22.29
C HIS A 1016 17.72 20.26 22.40
N ALA A 1017 17.34 19.85 23.61
CA ALA A 1017 16.96 18.47 23.89
C ALA A 1017 15.88 17.95 22.96
N ALA A 1018 14.77 18.67 22.86
CA ALA A 1018 13.58 18.13 22.20
C ALA A 1018 13.03 19.02 21.10
N TYR A 1019 13.18 20.34 21.24
CA TYR A 1019 12.51 21.30 20.37
C TYR A 1019 13.46 22.02 19.43
N SER A 1020 14.74 21.65 19.41
CA SER A 1020 15.68 22.31 18.52
C SER A 1020 15.30 22.09 17.06
N SER A 1021 14.80 20.90 16.73
CA SER A 1021 14.32 20.61 15.38
C SER A 1021 12.82 20.82 15.23
N ALA A 1022 12.08 20.91 16.34
CA ALA A 1022 10.65 21.16 16.29
C ALA A 1022 10.32 22.62 16.02
N VAL A 1023 11.31 23.50 16.01
CA VAL A 1023 11.11 24.93 15.81
C VAL A 1023 12.07 25.38 14.72
N ASN A 1024 11.52 25.78 13.58
CA ASN A 1024 12.32 26.47 12.56
C ASN A 1024 12.44 27.94 12.94
N ILE A 1025 13.65 28.47 12.87
CA ILE A 1025 13.92 29.88 13.14
C ILE A 1025 14.52 30.49 11.88
N LEU A 1026 13.78 31.39 11.25
CA LEU A 1026 14.19 32.04 10.01
C LEU A 1026 14.77 33.41 10.34
N LEU A 1027 16.04 33.60 10.00
CA LEU A 1027 16.76 34.85 10.31
C LEU A 1027 16.55 35.86 9.17
N GLY A 1028 15.31 36.33 9.08
CA GLY A 1028 14.95 37.31 8.07
C GLY A 1028 14.46 38.63 8.65
N HIS A 1029 15.40 39.51 8.97
CA HIS A 1029 15.12 40.82 9.57
C HIS A 1029 14.12 40.72 10.73
N GLY A 1030 14.55 40.07 11.81
CA GLY A 1030 15.84 39.43 11.95
C GLY A 1030 15.73 38.03 12.52
N THR A 1031 14.57 37.72 13.10
CA THR A 1031 14.32 36.42 13.70
C THR A 1031 12.82 36.17 13.73
N ARG A 1032 12.41 34.96 13.36
CA ARG A 1032 10.99 34.60 13.32
C ARG A 1032 10.84 33.11 13.62
N VAL A 1033 9.63 32.72 14.03
CA VAL A 1033 9.33 31.34 14.41
C VAL A 1033 8.37 30.70 13.43
N GLY A 1034 8.80 30.50 12.19
CA GLY A 1034 7.97 29.81 11.22
C GLY A 1034 8.03 28.30 11.32
N ALA A 1035 6.87 27.70 11.03
CA ALA A 1035 6.74 26.28 10.71
C ALA A 1035 7.20 25.40 11.88
N THR A 1036 6.34 25.38 12.91
CA THR A 1036 6.62 24.63 14.12
C THR A 1036 5.60 23.52 14.29
N TYR A 1037 6.01 22.42 14.94
CA TYR A 1037 5.12 21.29 15.17
C TYR A 1037 4.96 20.99 16.66
N PHE A 1038 3.82 20.37 16.98
CA PHE A 1038 3.48 19.89 18.31
C PHE A 1038 3.19 18.40 18.22
N MET A 1039 3.97 17.59 18.94
CA MET A 1039 4.03 16.16 18.73
C MET A 1039 3.24 15.41 19.80
N THR A 1040 2.50 14.39 19.37
CA THR A 1040 1.84 13.47 20.30
C THR A 1040 1.79 12.10 19.63
N TYR A 1041 0.93 11.21 20.13
CA TYR A 1041 0.92 9.82 19.68
C TYR A 1041 -0.52 9.36 19.43
N HIS A 1042 -0.66 8.14 18.90
CA HIS A 1042 -1.81 7.77 18.07
C HIS A 1042 -2.51 6.49 18.54
N THR A 1043 -2.65 6.29 19.85
CA THR A 1043 -3.50 5.24 20.44
C THR A 1043 -3.11 3.87 19.86
N VAL A 1044 -4.06 3.11 19.30
CA VAL A 1044 -3.84 1.70 18.92
C VAL A 1044 -3.44 1.56 17.46
N LEU A 1045 -4.44 1.57 16.55
CA LEU A 1045 -4.25 1.53 15.10
C LEU A 1045 -3.81 0.15 14.62
N GLN A 1046 -4.65 -0.86 14.84
CA GLN A 1046 -4.28 -2.23 14.50
C GLN A 1046 -5.02 -2.80 13.30
N THR A 1047 -5.86 -2.01 12.62
CA THR A 1047 -6.51 -2.45 11.40
C THR A 1047 -6.57 -1.29 10.42
N SER A 1048 -6.86 -1.60 9.16
CA SER A 1048 -6.99 -0.54 8.14
C SER A 1048 -8.08 0.45 8.53
N ALA A 1049 -9.20 -0.04 9.07
CA ALA A 1049 -10.27 0.84 9.52
C ALA A 1049 -9.77 1.81 10.59
N ASP A 1050 -8.98 1.31 11.53
CA ASP A 1050 -8.43 2.18 12.58
C ASP A 1050 -7.55 3.28 11.96
N PHE A 1051 -6.70 2.92 11.01
CA PHE A 1051 -5.84 3.92 10.36
C PHE A 1051 -6.67 4.98 9.65
N ILE A 1052 -7.68 4.54 8.87
CA ILE A 1052 -8.53 5.50 8.16
C ILE A 1052 -9.21 6.44 9.13
N ASP A 1053 -9.75 5.89 10.23
CA ASP A 1053 -10.39 6.71 11.26
C ASP A 1053 -9.43 7.74 11.81
N ALA A 1054 -8.22 7.31 12.17
CA ALA A 1054 -7.22 8.23 12.72
C ALA A 1054 -6.91 9.36 11.73
N LEU A 1055 -6.79 9.02 10.45
CA LEU A 1055 -6.54 10.05 9.43
C LEU A 1055 -7.69 11.06 9.41
N LYS A 1056 -8.92 10.58 9.25
CA LYS A 1056 -10.09 11.46 9.20
C LYS A 1056 -10.12 12.40 10.39
N LYS A 1057 -10.05 11.85 11.60
CA LYS A 1057 -10.28 12.67 12.79
C LYS A 1057 -9.10 13.58 13.11
N ALA A 1058 -7.87 13.13 12.83
CA ALA A 1058 -6.73 14.02 12.99
C ALA A 1058 -6.83 15.22 12.06
N ARG A 1059 -7.14 14.97 10.79
CA ARG A 1059 -7.38 16.09 9.88
C ARG A 1059 -8.56 16.93 10.31
N LEU A 1060 -9.52 16.34 11.02
CA LEU A 1060 -10.65 17.10 11.54
C LEU A 1060 -10.21 18.07 12.62
N ILE A 1061 -9.34 17.63 13.53
CA ILE A 1061 -8.76 18.55 14.50
C ILE A 1061 -7.94 19.61 13.79
N ALA A 1062 -7.30 19.25 12.68
CA ALA A 1062 -6.56 20.21 11.86
C ALA A 1062 -7.45 21.36 11.39
N SER A 1063 -8.41 21.05 10.51
CA SER A 1063 -9.30 22.08 9.99
C SER A 1063 -10.02 22.81 11.12
N ASN A 1064 -10.35 22.08 12.18
CA ASN A 1064 -11.10 22.64 13.30
C ASN A 1064 -10.31 23.74 14.02
N VAL A 1065 -9.07 23.41 14.43
CA VAL A 1065 -8.19 24.40 15.03
C VAL A 1065 -7.97 25.57 14.07
N THR A 1066 -7.70 25.25 12.79
CA THR A 1066 -7.46 26.31 11.82
C THR A 1066 -8.67 27.22 11.67
N GLU A 1067 -9.86 26.71 11.96
CA GLU A 1067 -11.04 27.55 12.00
C GLU A 1067 -11.02 28.47 13.21
N THR A 1068 -10.71 27.92 14.39
CA THR A 1068 -10.68 28.77 15.57
C THR A 1068 -9.57 29.82 15.52
N MET A 1069 -8.63 29.72 14.58
CA MET A 1069 -7.61 30.74 14.41
C MET A 1069 -8.06 31.80 13.43
N GLY A 1070 -7.64 33.04 13.68
CA GLY A 1070 -7.95 34.14 12.80
C GLY A 1070 -7.16 34.10 11.52
N ILE A 1071 -7.57 33.23 10.59
CA ILE A 1071 -6.82 33.01 9.36
C ILE A 1071 -7.12 34.16 8.39
N ASN A 1072 -6.07 34.87 7.99
CA ASN A 1072 -6.19 35.97 7.03
C ASN A 1072 -6.23 35.37 5.63
N GLY A 1073 -7.43 35.01 5.19
CA GLY A 1073 -7.60 34.34 3.92
C GLY A 1073 -7.47 32.84 4.04
N SER A 1074 -6.31 32.31 3.69
CA SER A 1074 -6.04 30.89 3.91
C SER A 1074 -4.55 30.58 3.94
N ALA A 1075 -3.70 31.57 4.21
CA ALA A 1075 -2.25 31.48 4.09
C ALA A 1075 -1.66 30.19 4.63
N TYR A 1076 -1.73 29.98 5.94
CA TYR A 1076 -1.18 28.79 6.57
C TYR A 1076 -2.28 27.99 7.26
N ARG A 1077 -2.02 26.70 7.41
CA ARG A 1077 -2.92 25.77 8.07
C ARG A 1077 -2.21 25.11 9.25
N VAL A 1078 -2.91 24.16 9.88
CA VAL A 1078 -2.33 23.34 10.93
C VAL A 1078 -2.55 21.88 10.57
N PHE A 1079 -1.66 21.31 9.73
CA PHE A 1079 -2.03 19.97 9.28
C PHE A 1079 -1.36 18.90 10.15
N PRO A 1080 -1.95 17.72 10.26
CA PRO A 1080 -1.29 16.62 10.95
C PRO A 1080 -0.49 15.75 9.99
N TYR A 1081 0.61 15.20 10.51
CA TYR A 1081 1.43 14.29 9.73
C TYR A 1081 1.85 13.10 10.57
N SER A 1082 1.64 11.90 10.04
CA SER A 1082 2.24 10.69 10.59
C SER A 1082 2.92 9.95 9.45
N VAL A 1083 3.50 8.80 9.77
CA VAL A 1083 4.24 8.04 8.76
C VAL A 1083 3.31 7.48 7.71
N PHE A 1084 2.09 7.09 8.11
CA PHE A 1084 1.21 6.29 7.28
C PHE A 1084 0.16 7.10 6.54
N TYR A 1085 0.15 8.42 6.68
CA TYR A 1085 -0.92 9.22 6.08
C TYR A 1085 -0.91 9.13 4.57
N VAL A 1086 0.25 8.82 3.98
CA VAL A 1086 0.33 8.75 2.53
C VAL A 1086 -0.22 7.42 2.01
N PHE A 1087 -0.09 6.35 2.80
CA PHE A 1087 -0.44 5.02 2.31
C PHE A 1087 -1.92 4.72 2.46
N TYR A 1088 -2.51 5.11 3.59
CA TYR A 1088 -3.91 4.84 3.88
C TYR A 1088 -4.83 5.97 3.43
N GLU A 1089 -4.37 6.84 2.53
CA GLU A 1089 -5.21 7.91 2.00
C GLU A 1089 -5.93 7.51 0.72
N GLN A 1090 -5.46 6.49 0.00
CA GLN A 1090 -6.22 5.97 -1.12
C GLN A 1090 -7.60 5.51 -0.68
N TYR A 1091 -7.65 4.72 0.40
CA TYR A 1091 -8.91 4.25 0.95
C TYR A 1091 -9.83 5.40 1.36
N LEU A 1092 -9.28 6.59 1.57
CA LEU A 1092 -10.10 7.74 1.92
C LEU A 1092 -11.09 8.09 0.81
N THR A 1093 -10.82 7.68 -0.43
CA THR A 1093 -11.74 7.95 -1.53
C THR A 1093 -11.61 6.88 -2.61
N ILE A 1094 -11.51 5.62 -2.20
CA ILE A 1094 -11.37 4.54 -3.18
C ILE A 1094 -12.70 4.31 -3.89
N ILE A 1095 -13.83 4.45 -3.19
CA ILE A 1095 -15.12 4.10 -3.76
C ILE A 1095 -15.45 5.04 -4.92
N ASP A 1096 -15.33 6.35 -4.69
CA ASP A 1096 -15.49 7.30 -5.79
C ASP A 1096 -14.56 6.97 -6.95
N ASP A 1097 -13.37 6.44 -6.66
CA ASP A 1097 -12.46 6.07 -7.74
C ASP A 1097 -12.84 4.74 -8.38
N THR A 1098 -13.47 3.83 -7.62
CA THR A 1098 -13.97 2.61 -8.21
C THR A 1098 -15.10 2.90 -9.18
N ILE A 1099 -16.21 3.44 -8.65
CA ILE A 1099 -17.39 3.86 -9.41
C ILE A 1099 -16.98 4.52 -10.72
N PHE A 1100 -16.11 5.54 -10.63
CA PHE A 1100 -15.62 6.22 -11.81
C PHE A 1100 -15.00 5.24 -12.79
N ASN A 1101 -13.92 4.58 -12.37
CA ASN A 1101 -13.12 3.74 -13.27
C ASN A 1101 -13.99 2.76 -14.03
N LEU A 1102 -14.52 1.76 -13.32
CA LEU A 1102 -15.44 0.80 -13.93
C LEU A 1102 -16.47 1.50 -14.79
N GLY A 1103 -17.07 2.58 -14.27
CA GLY A 1103 -18.07 3.33 -15.02
C GLY A 1103 -17.58 3.70 -16.41
N VAL A 1104 -16.43 4.38 -16.46
CA VAL A 1104 -15.88 4.79 -17.75
C VAL A 1104 -15.72 3.59 -18.67
N SER A 1105 -15.28 2.45 -18.11
CA SER A 1105 -15.18 1.23 -18.90
C SER A 1105 -16.52 0.93 -19.56
N LEU A 1106 -17.57 0.77 -18.75
CA LEU A 1106 -18.88 0.45 -19.29
C LEU A 1106 -19.42 1.55 -20.20
N GLY A 1107 -18.78 2.70 -20.24
CA GLY A 1107 -19.13 3.72 -21.21
C GLY A 1107 -18.43 3.45 -22.53
N ALA A 1108 -17.10 3.27 -22.46
CA ALA A 1108 -16.34 2.99 -23.68
C ALA A 1108 -16.84 1.71 -24.34
N ILE A 1109 -16.91 0.63 -23.57
CA ILE A 1109 -17.53 -0.61 -24.02
C ILE A 1109 -18.89 -0.32 -24.65
N PHE A 1110 -19.67 0.56 -24.04
CA PHE A 1110 -20.99 0.85 -24.59
C PHE A 1110 -20.88 1.62 -25.90
N LEU A 1111 -19.93 2.57 -25.99
CA LEU A 1111 -19.89 3.42 -27.17
C LEU A 1111 -19.42 2.63 -28.39
N VAL A 1112 -18.20 2.10 -28.35
CA VAL A 1112 -17.63 1.32 -29.43
C VAL A 1112 -18.62 0.22 -29.82
N THR A 1113 -18.94 -0.68 -28.88
CA THR A 1113 -19.76 -1.85 -29.18
C THR A 1113 -21.19 -1.46 -29.47
N MET A 1114 -21.46 -0.16 -29.59
CA MET A 1114 -22.74 0.29 -30.15
C MET A 1114 -22.58 0.91 -31.53
N VAL A 1115 -21.55 1.74 -31.72
CA VAL A 1115 -21.31 2.31 -33.04
C VAL A 1115 -20.67 1.28 -33.96
N LEU A 1116 -19.81 0.42 -33.41
CA LEU A 1116 -19.27 -0.69 -34.17
C LEU A 1116 -20.36 -1.65 -34.62
N LEU A 1117 -21.45 -1.73 -33.86
CA LEU A 1117 -22.57 -2.64 -34.16
C LEU A 1117 -23.73 -1.92 -34.84
N GLY A 1118 -23.44 -0.95 -35.70
CA GLY A 1118 -24.48 -0.30 -36.49
C GLY A 1118 -25.42 0.61 -35.72
N CYS A 1119 -24.90 1.43 -34.81
CA CYS A 1119 -25.70 2.39 -34.05
C CYS A 1119 -26.91 1.73 -33.39
N GLU A 1120 -26.78 0.46 -33.03
CA GLU A 1120 -27.86 -0.29 -32.41
C GLU A 1120 -27.74 -0.15 -30.89
N LEU A 1121 -28.68 0.58 -30.30
CA LEU A 1121 -28.60 0.85 -28.86
C LEU A 1121 -28.85 -0.40 -28.03
N TRP A 1122 -29.83 -1.22 -28.44
CA TRP A 1122 -30.28 -2.30 -27.57
C TRP A 1122 -29.25 -3.43 -27.47
N SER A 1123 -28.55 -3.72 -28.56
CA SER A 1123 -27.47 -4.71 -28.49
C SER A 1123 -26.44 -4.30 -27.44
N ALA A 1124 -26.00 -3.05 -27.47
CA ALA A 1124 -25.07 -2.55 -26.47
C ALA A 1124 -25.67 -2.64 -25.07
N VAL A 1125 -26.78 -1.94 -24.84
CA VAL A 1125 -27.41 -1.89 -23.51
C VAL A 1125 -27.55 -3.28 -22.92
N ILE A 1126 -27.96 -4.24 -23.75
CA ILE A 1126 -28.07 -5.63 -23.28
C ILE A 1126 -26.70 -6.17 -22.89
N MET A 1127 -25.71 -6.00 -23.78
CA MET A 1127 -24.39 -6.59 -23.53
C MET A 1127 -23.74 -6.00 -22.30
N CYS A 1128 -23.42 -4.70 -22.33
CA CYS A 1128 -22.75 -4.07 -21.21
C CYS A 1128 -23.64 -4.02 -19.96
N ALA A 1129 -24.95 -4.16 -20.11
CA ALA A 1129 -25.79 -4.42 -18.94
C ALA A 1129 -25.43 -5.77 -18.31
N THR A 1130 -25.23 -6.79 -19.14
CA THR A 1130 -24.78 -8.08 -18.63
C THR A 1130 -23.40 -7.96 -17.98
N ILE A 1131 -22.53 -7.12 -18.54
CA ILE A 1131 -21.22 -6.92 -17.91
C ILE A 1131 -21.37 -6.24 -16.56
N ALA A 1132 -22.29 -5.27 -16.46
CA ALA A 1132 -22.58 -4.68 -15.15
C ALA A 1132 -23.04 -5.74 -14.16
N MET A 1133 -23.88 -6.68 -14.61
CA MET A 1133 -24.20 -7.83 -13.79
C MET A 1133 -22.94 -8.57 -13.35
N VAL A 1134 -21.98 -8.73 -14.26
CA VAL A 1134 -20.74 -9.43 -13.94
C VAL A 1134 -20.00 -8.72 -12.81
N LEU A 1135 -19.93 -7.39 -12.86
CA LEU A 1135 -19.15 -6.66 -11.86
C LEU A 1135 -19.86 -6.63 -10.51
N VAL A 1136 -21.19 -6.45 -10.51
CA VAL A 1136 -21.91 -6.44 -9.24
C VAL A 1136 -21.85 -7.81 -8.57
N ASN A 1137 -22.16 -8.87 -9.34
CA ASN A 1137 -21.97 -10.22 -8.82
C ASN A 1137 -20.54 -10.44 -8.37
N MET A 1138 -19.58 -9.79 -9.03
CA MET A 1138 -18.19 -9.90 -8.62
C MET A 1138 -17.98 -9.29 -7.24
N PHE A 1139 -18.65 -8.18 -6.94
CA PHE A 1139 -18.58 -7.62 -5.59
C PHE A 1139 -19.23 -8.55 -4.57
N GLY A 1140 -20.33 -9.20 -4.95
CA GLY A 1140 -20.90 -10.22 -4.08
C GLY A 1140 -19.92 -11.32 -3.77
N VAL A 1141 -19.18 -11.78 -4.78
CA VAL A 1141 -18.15 -12.79 -4.57
C VAL A 1141 -17.06 -12.24 -3.65
N MET A 1142 -16.70 -10.97 -3.83
CA MET A 1142 -15.75 -10.33 -2.92
C MET A 1142 -16.23 -10.42 -1.48
N TRP A 1143 -17.53 -10.24 -1.25
CA TRP A 1143 -18.08 -10.37 0.09
C TRP A 1143 -17.97 -11.80 0.59
N LEU A 1144 -18.34 -12.77 -0.27
CA LEU A 1144 -18.39 -14.16 0.17
C LEU A 1144 -17.01 -14.69 0.53
N TRP A 1145 -16.02 -14.51 -0.34
CA TRP A 1145 -14.68 -14.94 -0.05
C TRP A 1145 -13.85 -13.91 0.71
N GLY A 1146 -14.44 -12.75 1.01
CA GLY A 1146 -13.86 -11.83 1.98
C GLY A 1146 -12.66 -11.04 1.51
N ILE A 1147 -12.52 -10.82 0.21
CA ILE A 1147 -11.41 -10.01 -0.28
C ILE A 1147 -11.78 -8.53 -0.19
N SER A 1148 -10.75 -7.69 -0.18
CA SER A 1148 -10.91 -6.27 0.13
C SER A 1148 -11.03 -5.44 -1.15
N LEU A 1149 -11.20 -4.14 -0.96
CA LEU A 1149 -11.37 -3.18 -2.06
C LEU A 1149 -10.21 -2.18 -2.02
N ASN A 1150 -9.01 -2.67 -2.32
CA ASN A 1150 -7.82 -1.84 -2.34
C ASN A 1150 -7.44 -1.54 -3.80
N ALA A 1151 -6.20 -1.08 -4.00
CA ALA A 1151 -5.74 -0.78 -5.36
C ALA A 1151 -5.60 -2.05 -6.19
N VAL A 1152 -5.05 -3.11 -5.61
CA VAL A 1152 -4.87 -4.38 -6.32
C VAL A 1152 -6.21 -4.90 -6.80
N SER A 1153 -7.16 -5.06 -5.89
CA SER A 1153 -8.46 -5.63 -6.25
C SER A 1153 -9.20 -4.75 -7.25
N LEU A 1154 -9.08 -3.43 -7.13
CA LEU A 1154 -9.71 -2.53 -8.08
C LEU A 1154 -9.13 -2.71 -9.48
N VAL A 1155 -7.80 -2.78 -9.57
CA VAL A 1155 -7.14 -3.04 -10.85
C VAL A 1155 -7.67 -4.34 -11.45
N ASN A 1156 -7.72 -5.40 -10.64
CA ASN A 1156 -8.24 -6.67 -11.13
C ASN A 1156 -9.71 -6.60 -11.49
N LEU A 1157 -10.44 -5.60 -10.97
CA LEU A 1157 -11.84 -5.42 -11.37
C LEU A 1157 -11.96 -4.76 -12.73
N VAL A 1158 -11.24 -3.65 -12.94
CA VAL A 1158 -11.18 -3.03 -14.25
C VAL A 1158 -10.80 -4.06 -15.31
N MET A 1159 -9.70 -4.78 -15.05
CA MET A 1159 -9.30 -5.86 -15.95
C MET A 1159 -10.37 -6.93 -16.06
N SER A 1160 -11.13 -7.17 -14.98
CA SER A 1160 -12.18 -8.18 -15.01
C SER A 1160 -13.26 -7.83 -16.02
N CYS A 1161 -13.73 -6.58 -16.01
CA CYS A 1161 -14.74 -6.15 -16.99
C CYS A 1161 -14.15 -6.19 -18.39
N GLY A 1162 -12.95 -5.63 -18.57
CA GLY A 1162 -12.26 -5.71 -19.85
C GLY A 1162 -12.11 -7.11 -20.39
N ILE A 1163 -12.11 -8.13 -19.52
CA ILE A 1163 -12.11 -9.51 -19.98
C ILE A 1163 -13.53 -10.04 -20.18
N SER A 1164 -14.53 -9.48 -19.48
CA SER A 1164 -15.91 -9.88 -19.72
C SER A 1164 -16.39 -9.47 -21.10
N VAL A 1165 -15.81 -8.39 -21.64
CA VAL A 1165 -16.10 -8.02 -23.03
C VAL A 1165 -15.82 -9.18 -23.98
N GLU A 1166 -14.80 -9.98 -23.69
CA GLU A 1166 -14.48 -11.11 -24.56
C GLU A 1166 -15.51 -12.23 -24.47
N PHE A 1167 -16.30 -12.29 -23.40
CA PHE A 1167 -17.39 -13.25 -23.34
C PHE A 1167 -18.63 -12.72 -24.04
N CYS A 1168 -19.06 -11.50 -23.67
CA CYS A 1168 -20.38 -11.04 -24.13
C CYS A 1168 -20.34 -10.42 -25.52
N SER A 1169 -19.19 -9.87 -25.92
CA SER A 1169 -19.13 -9.09 -27.16
C SER A 1169 -19.34 -9.95 -28.39
N HIS A 1170 -18.60 -11.06 -28.50
CA HIS A 1170 -18.68 -11.90 -29.69
C HIS A 1170 -20.08 -12.46 -29.87
N ILE A 1171 -20.72 -12.88 -28.77
CA ILE A 1171 -22.09 -13.39 -28.86
C ILE A 1171 -23.04 -12.28 -29.26
N THR A 1172 -22.89 -11.09 -28.67
CA THR A 1172 -23.77 -9.97 -29.01
C THR A 1172 -23.70 -9.63 -30.49
N ARG A 1173 -22.48 -9.59 -31.04
CA ARG A 1173 -22.35 -9.35 -32.48
C ARG A 1173 -22.95 -10.50 -33.28
N ALA A 1174 -22.64 -11.74 -32.90
CA ALA A 1174 -23.11 -12.89 -33.66
C ALA A 1174 -24.63 -12.95 -33.71
N PHE A 1175 -25.31 -12.45 -32.68
CA PHE A 1175 -26.76 -12.38 -32.72
C PHE A 1175 -27.25 -11.16 -33.49
N THR A 1176 -26.57 -10.02 -33.32
CA THR A 1176 -27.04 -8.77 -33.94
C THR A 1176 -27.10 -8.89 -35.45
N VAL A 1177 -26.02 -9.39 -36.07
CA VAL A 1177 -25.97 -9.58 -37.51
C VAL A 1177 -26.24 -11.05 -37.81
N SER A 1178 -27.41 -11.32 -38.38
CA SER A 1178 -27.87 -12.63 -38.82
C SER A 1178 -29.24 -12.44 -39.46
N MET A 1179 -29.61 -13.37 -40.32
CA MET A 1179 -30.84 -13.26 -41.09
C MET A 1179 -31.78 -14.44 -40.85
N LYS A 1180 -31.72 -15.02 -39.67
CA LYS A 1180 -32.70 -16.04 -39.29
C LYS A 1180 -34.01 -15.36 -38.92
N GLY A 1181 -35.12 -16.07 -39.17
CA GLY A 1181 -36.43 -15.50 -38.98
C GLY A 1181 -36.92 -15.40 -37.56
N SER A 1182 -36.13 -15.82 -36.58
CA SER A 1182 -36.56 -15.87 -35.19
C SER A 1182 -35.53 -15.19 -34.30
N ARG A 1183 -35.95 -14.90 -33.06
CA ARG A 1183 -35.00 -14.53 -32.03
C ARG A 1183 -34.29 -15.76 -31.48
N VAL A 1184 -35.05 -16.81 -31.18
CA VAL A 1184 -34.46 -18.02 -30.61
C VAL A 1184 -33.50 -18.67 -31.60
N GLU A 1185 -33.89 -18.73 -32.89
CA GLU A 1185 -33.02 -19.32 -33.90
C GLU A 1185 -31.68 -18.60 -33.95
N ARG A 1186 -31.69 -17.26 -34.00
CA ARG A 1186 -30.45 -16.50 -34.01
C ARG A 1186 -29.67 -16.69 -32.72
N ALA A 1187 -30.36 -16.90 -31.59
CA ALA A 1187 -29.66 -17.17 -30.34
C ALA A 1187 -28.91 -18.49 -30.41
N GLU A 1188 -29.55 -19.53 -30.98
CA GLU A 1188 -28.89 -20.82 -31.12
C GLU A 1188 -27.72 -20.74 -32.09
N GLU A 1189 -27.90 -20.01 -33.20
CA GLU A 1189 -26.82 -19.87 -34.18
C GLU A 1189 -25.62 -19.13 -33.57
N ALA A 1190 -25.89 -18.02 -32.89
CA ALA A 1190 -24.82 -17.23 -32.30
C ALA A 1190 -24.09 -18.01 -31.21
N LEU A 1191 -24.84 -18.61 -30.30
CA LEU A 1191 -24.23 -19.32 -29.18
C LEU A 1191 -23.47 -20.55 -29.65
N ALA A 1192 -24.00 -21.26 -30.66
CA ALA A 1192 -23.32 -22.45 -31.15
C ALA A 1192 -22.08 -22.08 -31.97
N HIS A 1193 -22.17 -21.04 -32.78
CA HIS A 1193 -21.04 -20.66 -33.63
C HIS A 1193 -19.91 -20.05 -32.81
N MET A 1194 -20.21 -19.04 -32.00
CA MET A 1194 -19.17 -18.33 -31.26
C MET A 1194 -18.87 -18.94 -29.91
N GLY A 1195 -19.88 -19.47 -29.22
CA GLY A 1195 -19.67 -20.01 -27.88
C GLY A 1195 -18.68 -21.16 -27.85
N SER A 1196 -18.60 -21.94 -28.92
CA SER A 1196 -17.64 -23.03 -28.98
C SER A 1196 -16.21 -22.53 -29.05
N SER A 1197 -16.00 -21.34 -29.63
CA SER A 1197 -14.66 -20.75 -29.65
C SER A 1197 -14.36 -20.01 -28.35
N VAL A 1198 -15.32 -19.22 -27.86
CA VAL A 1198 -15.14 -18.50 -26.60
C VAL A 1198 -14.89 -19.47 -25.45
N PHE A 1199 -15.51 -20.65 -25.48
CA PHE A 1199 -15.22 -21.65 -24.46
C PHE A 1199 -13.94 -22.42 -24.80
N SER A 1200 -13.03 -21.76 -25.50
CA SER A 1200 -11.63 -22.17 -25.57
C SER A 1200 -10.67 -21.06 -25.21
N GLY A 1201 -11.17 -19.84 -25.04
CA GLY A 1201 -10.54 -18.77 -24.30
C GLY A 1201 -10.94 -18.77 -22.83
N ILE A 1202 -11.64 -19.81 -22.39
CA ILE A 1202 -12.08 -19.96 -21.01
C ILE A 1202 -11.35 -21.11 -20.33
N THR A 1203 -11.35 -22.28 -20.97
CA THR A 1203 -10.84 -23.50 -20.33
C THR A 1203 -9.36 -23.39 -19.98
N LEU A 1204 -8.57 -22.67 -20.79
CA LEU A 1204 -7.14 -22.57 -20.51
C LEU A 1204 -6.88 -21.72 -19.27
N THR A 1205 -7.55 -20.57 -19.16
CA THR A 1205 -7.36 -19.70 -18.01
C THR A 1205 -8.03 -20.25 -16.75
N LYS A 1206 -8.93 -21.22 -16.90
CA LYS A 1206 -9.48 -21.92 -15.76
C LYS A 1206 -8.52 -23.02 -15.28
N PHE A 1207 -8.00 -23.80 -16.23
CA PHE A 1207 -7.00 -24.82 -15.91
C PHE A 1207 -5.66 -24.24 -15.53
N GLY A 1208 -5.47 -22.92 -15.70
CA GLY A 1208 -4.34 -22.22 -15.10
C GLY A 1208 -4.78 -21.62 -13.78
N GLY A 1209 -6.04 -21.16 -13.74
CA GLY A 1209 -6.65 -20.65 -12.53
C GLY A 1209 -7.08 -21.76 -11.59
N ILE A 1210 -6.49 -22.94 -11.74
CA ILE A 1210 -6.58 -24.02 -10.77
C ILE A 1210 -5.22 -24.35 -10.18
N VAL A 1211 -4.23 -24.57 -11.06
CA VAL A 1211 -2.86 -24.76 -10.62
C VAL A 1211 -2.32 -23.50 -9.93
N VAL A 1212 -2.93 -22.35 -10.19
CA VAL A 1212 -2.59 -21.14 -9.44
C VAL A 1212 -2.83 -21.35 -7.94
N LEU A 1213 -3.98 -21.93 -7.59
CA LEU A 1213 -4.23 -22.26 -6.18
C LEU A 1213 -3.41 -23.47 -5.74
N ALA A 1214 -3.17 -24.41 -6.65
CA ALA A 1214 -2.58 -25.71 -6.29
C ALA A 1214 -1.33 -25.54 -5.42
N PHE A 1215 -0.32 -24.84 -5.94
CA PHE A 1215 0.99 -24.80 -5.29
C PHE A 1215 1.31 -23.48 -4.61
N ALA A 1216 0.47 -22.46 -4.73
CA ALA A 1216 0.75 -21.15 -4.18
C ALA A 1216 0.08 -21.00 -2.82
N LYS A 1217 0.89 -20.82 -1.77
CA LYS A 1217 0.38 -20.66 -0.42
C LYS A 1217 0.38 -19.22 0.05
N SER A 1218 0.91 -18.28 -0.74
CA SER A 1218 0.85 -16.87 -0.39
C SER A 1218 -0.60 -16.43 -0.21
N GLN A 1219 -0.92 -15.92 0.98
CA GLN A 1219 -2.31 -15.58 1.30
C GLN A 1219 -2.83 -14.49 0.39
N ILE A 1220 -1.98 -13.52 0.04
CA ILE A 1220 -2.41 -12.46 -0.88
C ILE A 1220 -2.67 -13.04 -2.26
N PHE A 1221 -1.79 -13.94 -2.72
CA PHE A 1221 -1.98 -14.55 -4.03
C PHE A 1221 -3.19 -15.47 -4.04
N GLN A 1222 -3.37 -16.24 -2.97
CA GLN A 1222 -4.45 -17.23 -2.94
C GLN A 1222 -5.81 -16.58 -2.72
N ILE A 1223 -5.85 -15.46 -2.00
CA ILE A 1223 -7.12 -14.80 -1.70
C ILE A 1223 -7.48 -13.75 -2.72
N PHE A 1224 -6.49 -12.96 -3.17
CA PHE A 1224 -6.77 -11.92 -4.15
C PHE A 1224 -6.75 -12.48 -5.57
N TYR A 1225 -5.57 -12.91 -6.04
CA TYR A 1225 -5.41 -13.18 -7.46
C TYR A 1225 -6.12 -14.47 -7.89
N PHE A 1226 -5.96 -15.55 -7.12
CA PHE A 1226 -6.62 -16.80 -7.48
C PHE A 1226 -8.13 -16.65 -7.46
N ARG A 1227 -8.69 -16.25 -6.31
CA ARG A 1227 -10.14 -16.24 -6.16
C ARG A 1227 -10.78 -15.21 -7.08
N MET A 1228 -10.05 -14.16 -7.47
CA MET A 1228 -10.63 -13.20 -8.40
C MET A 1228 -10.54 -13.68 -9.85
N TYR A 1229 -9.40 -14.25 -10.24
CA TYR A 1229 -9.31 -14.86 -11.56
C TYR A 1229 -10.39 -15.92 -11.75
N LEU A 1230 -10.48 -16.84 -10.79
CA LEU A 1230 -11.56 -17.83 -10.78
C LEU A 1230 -12.93 -17.14 -10.84
N ALA A 1231 -13.10 -16.07 -10.07
CA ALA A 1231 -14.40 -15.41 -9.97
C ALA A 1231 -14.83 -14.82 -11.31
N MET A 1232 -13.88 -14.25 -12.07
CA MET A 1232 -14.21 -13.61 -13.33
C MET A 1232 -14.24 -14.59 -14.50
N VAL A 1233 -13.52 -15.72 -14.41
CA VAL A 1233 -13.64 -16.74 -15.43
C VAL A 1233 -14.98 -17.46 -15.33
N LEU A 1234 -15.33 -17.92 -14.12
CA LEU A 1234 -16.62 -18.57 -13.93
C LEU A 1234 -17.76 -17.59 -14.11
N LEU A 1235 -17.66 -16.42 -13.46
CA LEU A 1235 -18.72 -15.42 -13.54
C LEU A 1235 -18.90 -14.92 -14.97
N GLY A 1236 -17.79 -14.59 -15.64
CA GLY A 1236 -17.90 -14.12 -17.02
C GLY A 1236 -18.41 -15.19 -17.96
N ALA A 1237 -17.93 -16.43 -17.80
CA ALA A 1237 -18.40 -17.52 -18.64
C ALA A 1237 -19.90 -17.72 -18.48
N THR A 1238 -20.36 -17.85 -17.24
CA THR A 1238 -21.78 -18.10 -16.99
C THR A 1238 -22.66 -16.90 -17.35
N HIS A 1239 -22.10 -15.68 -17.37
CA HIS A 1239 -22.90 -14.52 -17.71
C HIS A 1239 -22.93 -14.22 -19.19
N GLY A 1240 -21.93 -14.65 -19.95
CA GLY A 1240 -21.93 -14.42 -21.38
C GLY A 1240 -22.50 -15.59 -22.17
N LEU A 1241 -22.37 -16.81 -21.62
CA LEU A 1241 -22.70 -18.03 -22.33
C LEU A 1241 -23.93 -18.74 -21.75
N ILE A 1242 -24.61 -18.13 -20.80
CA ILE A 1242 -25.81 -18.74 -20.21
C ILE A 1242 -26.93 -17.72 -20.13
N PHE A 1243 -26.68 -16.59 -19.48
CA PHE A 1243 -27.73 -15.59 -19.32
C PHE A 1243 -27.90 -14.76 -20.59
N LEU A 1244 -26.81 -14.26 -21.15
CA LEU A 1244 -26.89 -13.38 -22.31
C LEU A 1244 -27.66 -13.98 -23.48
N PRO A 1245 -27.51 -15.25 -23.84
CA PRO A 1245 -28.37 -15.80 -24.91
C PRO A 1245 -29.85 -15.79 -24.55
N VAL A 1246 -30.19 -15.86 -23.28
CA VAL A 1246 -31.59 -15.79 -22.88
C VAL A 1246 -32.10 -14.35 -22.93
N LEU A 1247 -31.31 -13.41 -22.41
CA LEU A 1247 -31.68 -12.00 -22.50
C LEU A 1247 -31.78 -11.52 -23.94
N LEU A 1248 -30.99 -12.12 -24.84
CA LEU A 1248 -31.08 -11.80 -26.26
C LEU A 1248 -32.24 -12.52 -26.95
N SER A 1249 -32.53 -13.77 -26.55
CA SER A 1249 -33.76 -14.41 -26.99
C SER A 1249 -35.00 -13.64 -26.55
N TYR A 1250 -34.87 -12.84 -25.48
CA TYR A 1250 -35.98 -12.04 -24.96
C TYR A 1250 -36.07 -10.69 -25.67
N ILE A 1251 -34.99 -9.92 -25.68
CA ILE A 1251 -35.01 -8.53 -26.10
C ILE A 1251 -34.08 -8.26 -27.28
N GLY A 1252 -33.49 -9.31 -27.86
CA GLY A 1252 -32.62 -9.13 -29.00
C GLY A 1252 -33.39 -8.70 -30.24
N PRO A 1253 -32.98 -7.58 -30.84
CA PRO A 1253 -33.72 -7.05 -32.00
C PRO A 1253 -33.54 -7.88 -33.26
N SER A 1254 -34.26 -7.51 -34.32
CA SER A 1254 -34.20 -8.25 -35.58
C SER A 1254 -33.76 -7.34 -36.73
#